data_6U60
#
_entry.id   6U60
#
_cell.length_a   106.850
_cell.length_b   81.003
_cell.length_c   83.597
_cell.angle_alpha   90.000
_cell.angle_beta   90.000
_cell.angle_gamma   90.000
#
_symmetry.space_group_name_H-M   'P 21 21 2'
#
loop_
_entity.id
_entity.type
_entity.pdbx_description
1 polymer 'Prephenate dehydrogenase'
2 non-polymer TYROSINE
3 non-polymer 'PHOSPHATE ION'
4 non-polymer NICOTINAMIDE-ADENINE-DINUCLEOTIDE
5 water water
#
_entity_poly.entity_id   1
_entity_poly.type   'polypeptide(L)'
_entity_poly.pdbx_seq_one_letter_code
;SNAMKIKKESLEMRQMRKKVVLIGTGLIGGSLALAIKKDHDVTITGYDIFQEQVERAKELHVVDEIAVDLQHACEEAHLI
VFASPVEETKKLLHKLASFHLREDVIVTDVGSTKGSIMNEAEALFSKEISFIGGHPMAGSHKTGVESAKAHLFENAFYIL
TPMHHVPNEHVEELKDWLKGTGSHFLVLNTEEHDYVTGIVSHFPHLIAAGLVKQVEKHAGDNPLIHQLAAGGFKDITRIA
SSSPKMWSDIVKQNREHLMVLLKEWISEMEDLYDTVSSGDAGEIQNYFADAKEYRDSLPVRKRGAIPAYHDLYVDVLDKV
GALAHVTSILAREEISITNLQILEAREGLLGVLRISFQREEDRMKAKLALGEEKYQTYETI
;
_entity_poly.pdbx_strand_id   A,B
#
loop_
_chem_comp.id
_chem_comp.type
_chem_comp.name
_chem_comp.formula
NAD non-polymer NICOTINAMIDE-ADENINE-DINUCLEOTIDE 'C21 H27 N7 O14 P2'
PO4 non-polymer 'PHOSPHATE ION' 'O4 P -3'
#
# COMPACT_ATOMS: atom_id res chain seq x y z
N ARG A 17 25.95 -28.72 -22.08
CA ARG A 17 25.58 -29.53 -23.29
C ARG A 17 24.67 -28.69 -24.21
N LYS A 18 23.59 -28.15 -23.66
CA LYS A 18 22.56 -27.39 -24.40
C LYS A 18 22.92 -25.90 -24.40
N LYS A 19 22.46 -25.15 -25.41
CA LYS A 19 22.82 -23.71 -25.60
C LYS A 19 21.58 -22.83 -25.40
N VAL A 20 21.74 -21.79 -24.59
CA VAL A 20 20.71 -20.75 -24.30
C VAL A 20 21.25 -19.42 -24.82
N VAL A 21 20.42 -18.69 -25.56
CA VAL A 21 20.72 -17.29 -25.97
C VAL A 21 19.83 -16.38 -25.13
N LEU A 22 20.43 -15.38 -24.49
CA LEU A 22 19.73 -14.37 -23.66
C LEU A 22 19.92 -13.02 -24.34
N ILE A 23 18.82 -12.43 -24.80
CA ILE A 23 18.78 -11.12 -25.51
C ILE A 23 18.27 -10.06 -24.51
N GLY A 24 19.15 -9.18 -24.05
CA GLY A 24 18.87 -8.21 -22.95
C GLY A 24 19.38 -8.74 -21.62
N THR A 25 20.57 -8.33 -21.18
CA THR A 25 21.29 -8.95 -20.04
C THR A 25 21.25 -7.97 -18.87
N GLY A 26 20.06 -7.51 -18.50
CA GLY A 26 19.85 -6.61 -17.35
C GLY A 26 19.64 -7.38 -16.04
N LEU A 27 18.91 -6.76 -15.10
CA LEU A 27 18.51 -7.39 -13.82
C LEU A 27 17.65 -8.61 -14.15
N ILE A 28 16.63 -8.43 -15.01
CA ILE A 28 15.64 -9.50 -15.31
C ILE A 28 16.34 -10.62 -16.10
N GLY A 29 16.96 -10.29 -17.23
CA GLY A 29 17.66 -11.28 -18.06
C GLY A 29 18.70 -12.03 -17.25
N GLY A 30 19.56 -11.29 -16.54
CA GLY A 30 20.65 -11.86 -15.73
C GLY A 30 20.11 -12.83 -14.69
N SER A 31 19.00 -12.48 -14.03
CA SER A 31 18.41 -13.30 -12.94
C SER A 31 17.85 -14.58 -13.56
N LEU A 32 17.30 -14.49 -14.77
CA LEU A 32 16.78 -15.69 -15.49
C LEU A 32 17.96 -16.61 -15.83
N ALA A 33 19.07 -16.04 -16.31
CA ALA A 33 20.27 -16.81 -16.69
C ALA A 33 20.78 -17.56 -15.46
N LEU A 34 20.87 -16.87 -14.31
CA LEU A 34 21.27 -17.50 -13.04
C LEU A 34 20.26 -18.57 -12.63
N ALA A 35 18.95 -18.34 -12.76
CA ALA A 35 17.96 -19.36 -12.36
C ALA A 35 18.13 -20.61 -13.23
N ILE A 36 18.41 -20.40 -14.52
CA ILE A 36 18.55 -21.50 -15.51
C ILE A 36 19.81 -22.32 -15.18
N LYS A 37 20.98 -21.68 -15.00
CA LYS A 37 22.28 -22.37 -14.72
C LYS A 37 22.18 -23.07 -13.37
N LYS A 38 21.34 -22.59 -12.45
CA LYS A 38 21.14 -23.26 -11.14
C LYS A 38 20.78 -24.73 -11.37
N ASP A 39 19.84 -25.02 -12.28
CA ASP A 39 19.24 -26.39 -12.41
C ASP A 39 19.67 -27.08 -13.71
N HIS A 40 20.48 -26.43 -14.55
CA HIS A 40 20.85 -26.98 -15.87
C HIS A 40 22.31 -26.67 -16.20
N ASP A 41 23.02 -27.69 -16.67
CA ASP A 41 24.36 -27.53 -17.31
C ASP A 41 24.13 -27.03 -18.73
N VAL A 42 24.32 -25.72 -18.94
CA VAL A 42 24.10 -25.06 -20.25
C VAL A 42 25.13 -23.96 -20.45
N THR A 43 25.38 -23.67 -21.72
CA THR A 43 26.19 -22.51 -22.16
C THR A 43 25.19 -21.41 -22.45
N ILE A 44 25.36 -20.27 -21.80
CA ILE A 44 24.48 -19.09 -22.00
C ILE A 44 25.30 -18.04 -22.74
N THR A 45 24.84 -17.71 -23.95
CA THR A 45 25.41 -16.64 -24.80
C THR A 45 24.54 -15.40 -24.61
N GLY A 46 25.16 -14.31 -24.20
CA GLY A 46 24.47 -13.04 -23.92
C GLY A 46 24.60 -12.11 -25.10
N TYR A 47 23.51 -11.39 -25.39
CA TYR A 47 23.44 -10.34 -26.45
C TYR A 47 22.72 -9.12 -25.89
N ASP A 48 23.29 -7.93 -26.04
CA ASP A 48 22.64 -6.68 -25.55
C ASP A 48 23.07 -5.52 -26.42
N ILE A 49 22.12 -4.64 -26.72
CA ILE A 49 22.35 -3.42 -27.54
C ILE A 49 23.29 -2.49 -26.75
N PHE A 50 23.26 -2.50 -25.42
CA PHE A 50 24.22 -1.77 -24.54
C PHE A 50 25.42 -2.69 -24.22
N GLN A 51 26.49 -2.56 -25.01
CA GLN A 51 27.69 -3.45 -24.98
C GLN A 51 28.19 -3.62 -23.54
N GLU A 52 28.27 -2.55 -22.76
CA GLU A 52 28.87 -2.54 -21.40
C GLU A 52 28.16 -3.54 -20.49
N GLN A 53 26.84 -3.68 -20.68
CA GLN A 53 25.96 -4.53 -19.84
C GLN A 53 26.33 -6.00 -20.06
N VAL A 54 26.41 -6.43 -21.32
CA VAL A 54 26.67 -7.85 -21.66
C VAL A 54 28.10 -8.17 -21.22
N GLU A 55 29.04 -7.24 -21.48
CA GLU A 55 30.46 -7.34 -21.05
C GLU A 55 30.48 -7.61 -19.54
N ARG A 56 29.74 -6.80 -18.78
CA ARG A 56 29.63 -6.89 -17.31
C ARG A 56 29.03 -8.25 -16.90
N ALA A 57 28.01 -8.72 -17.64
CA ALA A 57 27.34 -10.03 -17.42
C ALA A 57 28.36 -11.17 -17.58
N LYS A 58 29.20 -11.09 -18.63
CA LYS A 58 30.26 -12.10 -18.83
C LYS A 58 31.26 -12.01 -17.67
N GLU A 59 31.64 -10.78 -17.28
CA GLU A 59 32.59 -10.55 -16.15
C GLU A 59 32.05 -11.22 -14.87
N LEU A 60 30.73 -11.24 -14.66
CA LEU A 60 30.09 -11.71 -13.39
C LEU A 60 29.68 -13.18 -13.50
N HIS A 61 29.99 -13.87 -14.61
CA HIS A 61 29.65 -15.31 -14.84
C HIS A 61 28.12 -15.50 -14.84
N VAL A 62 27.38 -14.45 -15.20
CA VAL A 62 25.91 -14.54 -15.47
C VAL A 62 25.71 -15.19 -16.85
N VAL A 63 26.51 -14.81 -17.85
CA VAL A 63 26.58 -15.50 -19.16
C VAL A 63 28.00 -16.08 -19.36
N ASP A 64 28.13 -17.08 -20.22
CA ASP A 64 29.39 -17.83 -20.49
C ASP A 64 30.10 -17.21 -21.69
N GLU A 65 29.32 -16.69 -22.64
CA GLU A 65 29.87 -16.09 -23.88
C GLU A 65 29.04 -14.87 -24.26
N ILE A 66 29.70 -13.94 -24.97
CA ILE A 66 29.07 -12.78 -25.64
C ILE A 66 28.85 -13.13 -27.12
N ALA A 67 27.61 -12.95 -27.59
CA ALA A 67 27.18 -13.27 -28.95
C ALA A 67 28.05 -12.46 -29.92
N VAL A 68 28.81 -13.16 -30.75
CA VAL A 68 29.61 -12.53 -31.82
C VAL A 68 28.60 -12.24 -32.94
N ASP A 69 27.89 -13.29 -33.36
CA ASP A 69 26.81 -13.21 -34.37
C ASP A 69 25.50 -13.64 -33.70
N LEU A 70 24.44 -12.82 -33.83
CA LEU A 70 23.10 -13.09 -33.25
C LEU A 70 22.46 -14.28 -33.97
N GLN A 71 22.48 -14.26 -35.31
CA GLN A 71 22.03 -15.39 -36.15
C GLN A 71 22.73 -16.70 -35.72
N HIS A 72 24.05 -16.73 -35.65
CA HIS A 72 24.81 -17.97 -35.38
C HIS A 72 24.38 -18.56 -34.04
N ALA A 73 24.38 -17.75 -32.97
CA ALA A 73 24.00 -18.16 -31.61
C ALA A 73 22.56 -18.69 -31.61
N CYS A 74 21.64 -17.98 -32.28
CA CYS A 74 20.19 -18.31 -32.28
C CYS A 74 19.95 -19.65 -32.99
N GLU A 75 20.66 -19.91 -34.09
CA GLU A 75 20.50 -21.13 -34.93
C GLU A 75 21.00 -22.38 -34.19
N GLU A 76 21.84 -22.23 -33.15
CA GLU A 76 22.32 -23.37 -32.31
C GLU A 76 21.56 -23.45 -30.98
N ALA A 77 20.66 -22.52 -30.69
CA ALA A 77 19.99 -22.39 -29.37
C ALA A 77 18.88 -23.43 -29.20
N HIS A 78 18.84 -24.08 -28.03
CA HIS A 78 17.69 -24.88 -27.58
C HIS A 78 16.64 -23.96 -26.98
N LEU A 79 17.09 -22.86 -26.37
CA LEU A 79 16.25 -21.88 -25.66
C LEU A 79 16.71 -20.48 -26.04
N ILE A 80 15.76 -19.61 -26.43
CA ILE A 80 15.99 -18.17 -26.73
C ILE A 80 15.07 -17.37 -25.82
N VAL A 81 15.64 -16.49 -25.00
CA VAL A 81 14.92 -15.67 -23.98
C VAL A 81 15.13 -14.20 -24.35
N PHE A 82 14.04 -13.50 -24.71
CA PHE A 82 14.02 -12.02 -24.88
C PHE A 82 13.67 -11.36 -23.56
N ALA A 83 14.62 -10.64 -22.98
CA ALA A 83 14.42 -9.80 -21.78
C ALA A 83 14.56 -8.33 -22.19
N SER A 84 14.42 -8.04 -23.48
CA SER A 84 14.41 -6.68 -24.08
C SER A 84 13.04 -6.06 -23.85
N PRO A 85 12.89 -4.72 -23.95
CA PRO A 85 11.57 -4.07 -23.91
C PRO A 85 10.67 -4.65 -25.02
N VAL A 86 9.36 -4.69 -24.77
CA VAL A 86 8.31 -5.29 -25.67
C VAL A 86 8.49 -4.73 -27.09
N GLU A 87 8.69 -3.41 -27.22
CA GLU A 87 8.84 -2.76 -28.55
C GLU A 87 10.09 -3.32 -29.26
N GLU A 88 11.17 -3.57 -28.53
CA GLU A 88 12.45 -4.10 -29.12
C GLU A 88 12.25 -5.58 -29.50
N THR A 89 11.63 -6.38 -28.61
CA THR A 89 11.32 -7.82 -28.87
C THR A 89 10.53 -7.96 -30.17
N LYS A 90 9.46 -7.16 -30.32
CA LYS A 90 8.58 -7.16 -31.51
C LYS A 90 9.46 -7.04 -32.76
N LYS A 91 10.41 -6.10 -32.74
CA LYS A 91 11.29 -5.78 -33.90
C LYS A 91 12.19 -6.99 -34.18
N LEU A 92 12.72 -7.64 -33.15
CA LEU A 92 13.69 -8.75 -33.31
C LEU A 92 13.00 -10.05 -33.72
N LEU A 93 11.72 -10.24 -33.42
CA LEU A 93 11.01 -11.49 -33.81
C LEU A 93 11.06 -11.62 -35.34
N HIS A 94 10.95 -10.52 -36.10
CA HIS A 94 11.04 -10.54 -37.59
C HIS A 94 12.38 -11.18 -37.96
N LYS A 95 13.47 -10.66 -37.41
CA LYS A 95 14.85 -11.18 -37.66
C LYS A 95 14.86 -12.68 -37.34
N LEU A 96 14.32 -13.08 -36.18
CA LEU A 96 14.33 -14.49 -35.73
C LEU A 96 13.63 -15.38 -36.75
N ALA A 97 12.56 -14.88 -37.38
CA ALA A 97 11.76 -15.64 -38.39
C ALA A 97 12.58 -15.96 -39.64
N SER A 98 13.55 -15.12 -40.01
CA SER A 98 14.39 -15.30 -41.22
C SER A 98 15.52 -16.32 -40.99
N PHE A 99 15.83 -16.67 -39.73
CA PHE A 99 16.91 -17.63 -39.37
C PHE A 99 16.39 -19.06 -39.53
N HIS A 100 17.31 -20.03 -39.63
CA HIS A 100 17.02 -21.49 -39.65
C HIS A 100 17.24 -22.03 -38.23
N LEU A 101 16.20 -22.03 -37.40
CA LEU A 101 16.30 -22.40 -35.95
C LEU A 101 16.30 -23.92 -35.80
N ARG A 102 16.73 -24.44 -34.66
CA ARG A 102 16.59 -25.89 -34.33
C ARG A 102 15.11 -26.28 -34.35
N GLU A 103 14.82 -27.54 -34.70
CA GLU A 103 13.47 -28.16 -34.67
C GLU A 103 12.87 -28.01 -33.27
N ASP A 104 13.68 -28.18 -32.23
CA ASP A 104 13.21 -28.29 -30.82
C ASP A 104 13.30 -26.95 -30.09
N VAL A 105 13.64 -25.84 -30.75
CA VAL A 105 13.88 -24.54 -30.05
C VAL A 105 12.59 -24.12 -29.33
N ILE A 106 12.74 -23.59 -28.11
CA ILE A 106 11.69 -22.81 -27.40
C ILE A 106 12.16 -21.33 -27.38
N VAL A 107 11.25 -20.42 -27.73
CA VAL A 107 11.46 -18.94 -27.73
C VAL A 107 10.46 -18.35 -26.73
N THR A 108 10.91 -17.41 -25.90
CA THR A 108 10.08 -16.79 -24.83
C THR A 108 10.57 -15.37 -24.65
N ASP A 109 9.76 -14.56 -23.96
CA ASP A 109 10.05 -13.15 -23.62
C ASP A 109 9.59 -12.90 -22.18
N VAL A 110 9.74 -11.68 -21.70
CA VAL A 110 9.41 -11.28 -20.30
C VAL A 110 8.51 -10.05 -20.28
N GLY A 111 7.94 -9.64 -21.41
CA GLY A 111 7.16 -8.39 -21.49
C GLY A 111 5.98 -8.31 -20.52
N SER A 112 5.69 -7.09 -20.07
CA SER A 112 4.56 -6.72 -19.17
C SER A 112 3.21 -6.83 -19.88
N THR A 113 3.21 -6.70 -21.22
CA THR A 113 2.01 -6.93 -22.06
C THR A 113 2.32 -8.11 -23.00
N LYS A 114 1.26 -8.78 -23.48
CA LYS A 114 1.41 -10.00 -24.30
C LYS A 114 0.64 -9.87 -25.61
N GLY A 115 -0.44 -9.08 -25.70
CA GLY A 115 -1.31 -9.00 -26.90
C GLY A 115 -0.54 -8.72 -28.18
N SER A 116 0.24 -7.64 -28.22
CA SER A 116 1.01 -7.22 -29.43
C SER A 116 2.11 -8.25 -29.78
N ILE A 117 2.84 -8.72 -28.78
CA ILE A 117 3.91 -9.74 -28.92
C ILE A 117 3.30 -10.97 -29.56
N MET A 118 2.21 -11.50 -29.00
CA MET A 118 1.62 -12.79 -29.43
C MET A 118 0.99 -12.62 -30.81
N ASN A 119 0.42 -11.45 -31.12
CA ASN A 119 -0.09 -11.10 -32.48
C ASN A 119 1.04 -11.26 -33.50
N GLU A 120 2.20 -10.68 -33.21
CA GLU A 120 3.38 -10.69 -34.11
C GLU A 120 3.90 -12.14 -34.22
N ALA A 121 4.04 -12.86 -33.10
CA ALA A 121 4.51 -14.27 -33.09
C ALA A 121 3.58 -15.13 -33.95
N GLU A 122 2.26 -15.00 -33.81
CA GLU A 122 1.28 -15.85 -34.56
C GLU A 122 1.42 -15.56 -36.05
N ALA A 123 1.61 -14.30 -36.40
CA ALA A 123 1.76 -13.86 -37.80
C ALA A 123 3.05 -14.45 -38.42
N LEU A 124 4.13 -14.52 -37.65
CA LEU A 124 5.49 -14.84 -38.20
C LEU A 124 5.74 -16.35 -38.14
N PHE A 125 5.38 -17.03 -37.06
CA PHE A 125 5.97 -18.35 -36.69
C PHE A 125 4.96 -19.51 -36.70
N SER A 126 3.65 -19.27 -36.80
CA SER A 126 2.63 -20.28 -36.39
C SER A 126 2.99 -21.69 -36.89
N LYS A 127 2.76 -22.70 -36.03
CA LYS A 127 2.90 -24.18 -36.27
C LYS A 127 4.38 -24.60 -36.24
N GLU A 128 5.27 -23.84 -36.88
CA GLU A 128 6.71 -24.21 -37.05
C GLU A 128 7.46 -24.13 -35.72
N ILE A 129 7.40 -22.99 -35.02
CA ILE A 129 8.33 -22.59 -33.92
C ILE A 129 7.53 -22.48 -32.61
N SER A 130 8.05 -23.05 -31.51
CA SER A 130 7.42 -22.99 -30.18
C SER A 130 7.71 -21.63 -29.56
N PHE A 131 6.92 -20.61 -29.88
CA PHE A 131 6.97 -19.31 -29.15
C PHE A 131 5.98 -19.32 -27.98
N ILE A 132 6.46 -19.07 -26.76
CA ILE A 132 5.65 -18.98 -25.51
C ILE A 132 5.96 -17.63 -24.85
N GLY A 133 4.99 -16.71 -24.87
CA GLY A 133 5.10 -15.42 -24.17
C GLY A 133 5.28 -15.62 -22.66
N GLY A 134 5.98 -14.72 -22.00
CA GLY A 134 6.21 -14.80 -20.55
C GLY A 134 6.10 -13.46 -19.87
N HIS A 135 5.80 -13.48 -18.58
CA HIS A 135 5.72 -12.23 -17.76
C HIS A 135 5.99 -12.60 -16.31
N PRO A 136 7.24 -12.50 -15.82
CA PRO A 136 7.54 -12.67 -14.40
C PRO A 136 7.11 -11.43 -13.63
N MET A 137 6.30 -11.62 -12.57
CA MET A 137 5.73 -10.50 -11.80
C MET A 137 6.62 -10.21 -10.58
N ALA A 138 7.86 -9.85 -10.88
CA ALA A 138 8.92 -9.48 -9.92
C ALA A 138 9.98 -8.76 -10.73
N GLY A 139 10.90 -8.07 -10.05
CA GLY A 139 12.04 -7.40 -10.69
C GLY A 139 11.78 -5.92 -10.88
N SER A 140 12.72 -5.26 -11.54
CA SER A 140 12.70 -3.81 -11.87
C SER A 140 13.73 -3.57 -12.96
N HIS A 141 13.76 -2.34 -13.49
CA HIS A 141 14.74 -1.83 -14.49
C HIS A 141 15.54 -0.71 -13.84
N LYS A 142 15.37 -0.54 -12.52
CA LYS A 142 16.06 0.48 -11.69
C LYS A 142 17.52 0.09 -11.48
N THR A 143 17.84 -1.20 -11.53
CA THR A 143 19.26 -1.66 -11.46
C THR A 143 19.58 -2.52 -12.68
N GLY A 144 20.86 -2.81 -12.89
CA GLY A 144 21.34 -3.71 -13.94
C GLY A 144 21.77 -5.06 -13.37
N VAL A 145 22.56 -5.76 -14.17
CA VAL A 145 22.98 -7.18 -13.99
C VAL A 145 23.79 -7.34 -12.69
N GLU A 146 24.37 -6.27 -12.16
CA GLU A 146 25.26 -6.30 -10.97
C GLU A 146 24.49 -6.89 -9.78
N SER A 147 23.18 -6.67 -9.74
CA SER A 147 22.32 -7.11 -8.62
C SER A 147 21.48 -8.34 -9.02
N ALA A 148 21.82 -9.05 -10.11
CA ALA A 148 21.04 -10.22 -10.59
C ALA A 148 21.09 -11.33 -9.54
N LYS A 149 19.97 -12.04 -9.33
CA LYS A 149 19.85 -13.13 -8.32
C LYS A 149 18.99 -14.27 -8.90
N ALA A 150 19.43 -15.52 -8.72
CA ALA A 150 18.69 -16.72 -9.14
C ALA A 150 17.29 -16.72 -8.50
N HIS A 151 17.13 -16.16 -7.29
CA HIS A 151 15.85 -16.17 -6.53
C HIS A 151 15.05 -14.86 -6.71
N LEU A 152 15.37 -14.00 -7.67
CA LEU A 152 14.61 -12.72 -7.86
C LEU A 152 13.12 -12.98 -8.02
N PHE A 153 12.75 -14.10 -8.63
CA PHE A 153 11.35 -14.44 -9.03
C PHE A 153 10.79 -15.54 -8.14
N GLU A 154 11.45 -15.85 -7.03
CA GLU A 154 11.02 -16.93 -6.11
C GLU A 154 9.64 -16.61 -5.53
N ASN A 155 8.69 -17.54 -5.70
CA ASN A 155 7.28 -17.41 -5.27
C ASN A 155 6.61 -16.19 -5.92
N ALA A 156 7.15 -15.65 -7.02
CA ALA A 156 6.42 -14.67 -7.86
C ALA A 156 5.55 -15.44 -8.88
N PHE A 157 4.38 -14.88 -9.20
CA PHE A 157 3.60 -15.32 -10.39
C PHE A 157 4.44 -15.09 -11.63
N TYR A 158 4.48 -16.10 -12.48
CA TYR A 158 5.18 -16.05 -13.79
C TYR A 158 4.17 -16.57 -14.80
N ILE A 159 3.58 -15.66 -15.57
CA ILE A 159 2.53 -15.99 -16.57
C ILE A 159 3.21 -16.38 -17.87
N LEU A 160 2.74 -17.48 -18.47
CA LEU A 160 3.18 -18.00 -19.79
C LEU A 160 1.97 -17.96 -20.70
N THR A 161 2.14 -17.48 -21.92
CA THR A 161 1.08 -17.41 -22.94
C THR A 161 1.55 -18.17 -24.16
N PRO A 162 1.24 -19.47 -24.27
CA PRO A 162 1.62 -20.27 -25.44
C PRO A 162 0.85 -19.80 -26.68
N MET A 163 1.47 -19.80 -27.86
CA MET A 163 0.72 -19.65 -29.14
C MET A 163 -0.34 -20.75 -29.20
N HIS A 164 -1.38 -20.59 -30.03
CA HIS A 164 -2.53 -21.53 -30.16
C HIS A 164 -2.06 -22.96 -30.45
N HIS A 165 -0.98 -23.13 -31.22
CA HIS A 165 -0.53 -24.44 -31.79
C HIS A 165 0.47 -25.16 -30.89
N VAL A 166 1.01 -24.51 -29.85
CA VAL A 166 2.13 -25.06 -29.03
C VAL A 166 1.56 -26.18 -28.17
N PRO A 167 2.08 -27.43 -28.27
CA PRO A 167 1.55 -28.52 -27.45
C PRO A 167 1.88 -28.26 -25.97
N ASN A 168 1.00 -28.72 -25.07
CA ASN A 168 1.12 -28.62 -23.59
C ASN A 168 2.53 -29.06 -23.18
N GLU A 169 3.11 -30.06 -23.86
CA GLU A 169 4.41 -30.69 -23.50
C GLU A 169 5.54 -29.66 -23.69
N HIS A 170 5.45 -28.76 -24.66
CA HIS A 170 6.45 -27.66 -24.87
C HIS A 170 6.35 -26.63 -23.72
N VAL A 171 5.14 -26.37 -23.21
CA VAL A 171 4.98 -25.44 -22.07
C VAL A 171 5.65 -26.08 -20.83
N GLU A 172 5.46 -27.38 -20.61
CA GLU A 172 6.10 -28.11 -19.48
C GLU A 172 7.64 -28.08 -19.64
N GLU A 173 8.19 -28.23 -20.85
CA GLU A 173 9.64 -28.08 -21.13
C GLU A 173 10.11 -26.69 -20.67
N LEU A 174 9.36 -25.63 -21.00
CA LEU A 174 9.77 -24.26 -20.60
C LEU A 174 9.73 -24.14 -19.07
N LYS A 175 8.67 -24.63 -18.41
CA LYS A 175 8.62 -24.56 -16.93
C LYS A 175 9.83 -25.33 -16.37
N ASP A 176 10.26 -26.40 -17.04
CA ASP A 176 11.45 -27.18 -16.61
C ASP A 176 12.72 -26.33 -16.79
N TRP A 177 12.92 -25.75 -17.97
CA TRP A 177 14.03 -24.77 -18.21
C TRP A 177 14.11 -23.80 -17.04
N LEU A 178 12.96 -23.30 -16.56
CA LEU A 178 12.89 -22.17 -15.59
C LEU A 178 12.62 -22.66 -14.16
N LYS A 179 12.75 -23.95 -13.87
CA LYS A 179 12.31 -24.45 -12.52
C LYS A 179 13.16 -23.77 -11.43
N GLY A 180 14.39 -23.37 -11.75
CA GLY A 180 15.32 -22.75 -10.78
C GLY A 180 14.85 -21.38 -10.33
N THR A 181 13.85 -20.79 -11.00
CA THR A 181 13.23 -19.51 -10.57
C THR A 181 12.51 -19.67 -9.25
N GLY A 182 11.97 -20.86 -9.00
CA GLY A 182 10.99 -21.08 -7.92
C GLY A 182 9.74 -20.20 -8.08
N SER A 183 9.37 -19.83 -9.32
CA SER A 183 8.14 -19.03 -9.62
C SER A 183 6.88 -19.92 -9.60
N HIS A 184 5.71 -19.35 -9.28
CA HIS A 184 4.38 -20.00 -9.48
C HIS A 184 3.96 -19.73 -10.92
N PHE A 185 4.12 -20.71 -11.81
CA PHE A 185 3.82 -20.57 -13.25
C PHE A 185 2.32 -20.66 -13.43
N LEU A 186 1.74 -19.73 -14.20
CA LEU A 186 0.31 -19.76 -14.62
C LEU A 186 0.27 -19.70 -16.13
N VAL A 187 -0.47 -20.60 -16.77
CA VAL A 187 -0.62 -20.60 -18.25
C VAL A 187 -1.95 -19.92 -18.55
N LEU A 188 -1.92 -18.80 -19.26
CA LEU A 188 -3.12 -18.02 -19.61
C LEU A 188 -3.17 -17.83 -21.12
N ASN A 189 -4.36 -17.63 -21.67
CA ASN A 189 -4.52 -17.08 -23.04
C ASN A 189 -4.08 -15.60 -22.99
N THR A 190 -3.63 -15.09 -24.12
CA THR A 190 -3.09 -13.73 -24.30
C THR A 190 -4.10 -12.68 -23.85
N GLU A 191 -5.37 -12.79 -24.28
CA GLU A 191 -6.41 -11.78 -23.96
C GLU A 191 -6.56 -11.73 -22.44
N GLU A 192 -6.70 -12.89 -21.82
CA GLU A 192 -6.85 -13.02 -20.36
C GLU A 192 -5.68 -12.34 -19.65
N HIS A 193 -4.45 -12.51 -20.15
CA HIS A 193 -3.24 -11.92 -19.50
C HIS A 193 -3.40 -10.40 -19.50
N ASP A 194 -3.68 -9.80 -20.66
CA ASP A 194 -3.76 -8.32 -20.81
C ASP A 194 -5.01 -7.78 -20.09
N TYR A 195 -6.08 -8.57 -20.01
CA TYR A 195 -7.31 -8.16 -19.30
C TYR A 195 -6.99 -8.07 -17.81
N VAL A 196 -6.39 -9.12 -17.25
CA VAL A 196 -6.16 -9.19 -15.78
C VAL A 196 -5.09 -8.16 -15.40
N THR A 197 -3.99 -8.08 -16.14
CA THR A 197 -2.91 -7.10 -15.87
C THR A 197 -3.40 -5.67 -16.10
N GLY A 198 -4.31 -5.46 -17.07
CA GLY A 198 -4.96 -4.16 -17.26
C GLY A 198 -5.65 -3.71 -15.97
N ILE A 199 -6.39 -4.58 -15.30
CA ILE A 199 -7.19 -4.23 -14.08
C ILE A 199 -6.25 -4.09 -12.87
N VAL A 200 -5.37 -5.07 -12.61
CA VAL A 200 -4.64 -5.13 -11.30
C VAL A 200 -3.35 -4.30 -11.36
N SER A 201 -2.77 -4.03 -12.53
CA SER A 201 -1.44 -3.37 -12.66
C SER A 201 -1.51 -2.07 -13.48
N HIS A 202 -2.02 -2.11 -14.71
CA HIS A 202 -1.90 -0.93 -15.61
C HIS A 202 -2.84 0.18 -15.15
N PHE A 203 -4.11 -0.13 -14.92
CA PHE A 203 -5.14 0.87 -14.55
C PHE A 203 -4.75 1.65 -13.30
N PRO A 204 -4.34 1.01 -12.18
CA PRO A 204 -3.88 1.79 -11.03
C PRO A 204 -2.83 2.85 -11.38
N HIS A 205 -1.96 2.59 -12.35
CA HIS A 205 -0.91 3.56 -12.77
C HIS A 205 -1.57 4.83 -13.29
N LEU A 206 -2.65 4.68 -14.06
CA LEU A 206 -3.39 5.86 -14.59
C LEU A 206 -3.95 6.64 -13.41
N ILE A 207 -4.53 5.95 -12.43
CA ILE A 207 -5.24 6.65 -11.32
C ILE A 207 -4.21 7.32 -10.41
N ALA A 208 -3.09 6.65 -10.14
CA ALA A 208 -1.99 7.19 -9.30
C ALA A 208 -1.50 8.51 -9.91
N ALA A 209 -1.23 8.53 -11.21
CA ALA A 209 -0.78 9.74 -11.95
C ALA A 209 -1.88 10.82 -11.90
N GLY A 210 -3.14 10.44 -12.04
CA GLY A 210 -4.27 11.39 -11.97
C GLY A 210 -4.38 11.99 -10.59
N LEU A 211 -4.21 11.20 -9.54
CA LEU A 211 -4.30 11.72 -8.15
C LEU A 211 -3.21 12.77 -7.98
N VAL A 212 -1.99 12.49 -8.44
CA VAL A 212 -0.86 13.45 -8.30
C VAL A 212 -1.23 14.73 -9.07
N LYS A 213 -1.78 14.59 -10.26
CA LYS A 213 -2.10 15.75 -11.14
C LYS A 213 -3.18 16.60 -10.44
N GLN A 214 -4.16 15.98 -9.78
CA GLN A 214 -5.24 16.76 -9.12
C GLN A 214 -4.64 17.55 -7.97
N VAL A 215 -3.74 16.96 -7.21
CA VAL A 215 -3.14 17.68 -6.07
C VAL A 215 -2.32 18.84 -6.63
N GLU A 216 -1.54 18.57 -7.70
CA GLU A 216 -0.66 19.57 -8.36
C GLU A 216 -1.52 20.76 -8.80
N LYS A 217 -2.70 20.52 -9.37
CA LYS A 217 -3.55 21.61 -9.90
C LYS A 217 -3.93 22.57 -8.76
N HIS A 218 -4.27 22.05 -7.58
CA HIS A 218 -4.73 22.87 -6.42
C HIS A 218 -3.54 23.49 -5.71
N ALA A 219 -2.33 22.97 -5.90
CA ALA A 219 -1.13 23.42 -5.16
C ALA A 219 -0.85 24.89 -5.47
N GLY A 220 -1.16 25.34 -6.69
CA GLY A 220 -1.05 26.77 -7.08
C GLY A 220 -1.82 27.68 -6.14
N ASP A 221 -3.04 27.29 -5.74
CA ASP A 221 -4.01 28.14 -4.99
C ASP A 221 -3.61 28.19 -3.50
N ASN A 222 -3.09 27.10 -2.90
CA ASN A 222 -2.70 27.07 -1.46
C ASN A 222 -1.33 26.39 -1.27
N PRO A 223 -0.30 27.11 -0.76
CA PRO A 223 1.05 26.55 -0.64
C PRO A 223 1.18 25.41 0.40
N LEU A 224 0.22 25.29 1.32
CA LEU A 224 0.18 24.22 2.35
C LEU A 224 0.04 22.86 1.68
N ILE A 225 -0.61 22.77 0.52
CA ILE A 225 -1.00 21.47 -0.11
C ILE A 225 0.25 20.64 -0.42
N HIS A 226 1.32 21.23 -0.96
CA HIS A 226 2.57 20.51 -1.29
C HIS A 226 3.17 19.87 -0.03
N GLN A 227 3.08 20.59 1.09
CA GLN A 227 3.69 20.18 2.39
C GLN A 227 2.86 19.05 3.01
N LEU A 228 1.53 19.16 3.01
CA LEU A 228 0.64 18.11 3.57
C LEU A 228 0.59 16.85 2.70
N ALA A 229 1.16 16.88 1.47
CA ALA A 229 1.22 15.71 0.57
C ALA A 229 2.41 14.78 0.87
N ALA A 230 3.35 15.19 1.72
CA ALA A 230 4.42 14.32 2.26
C ALA A 230 3.77 13.14 2.99
N GLY A 231 4.52 12.05 3.17
CA GLY A 231 4.05 10.89 3.93
C GLY A 231 3.06 10.09 3.12
N GLY A 232 1.85 9.90 3.63
CA GLY A 232 0.88 8.91 3.12
C GLY A 232 0.52 9.16 1.66
N PHE A 233 0.23 10.41 1.29
CA PHE A 233 -0.17 10.74 -0.09
C PHE A 233 0.98 10.33 -1.03
N LYS A 234 2.24 10.59 -0.67
CA LYS A 234 3.43 10.21 -1.47
C LYS A 234 3.52 8.68 -1.56
N ASP A 235 3.23 8.00 -0.45
CA ASP A 235 3.29 6.51 -0.40
C ASP A 235 2.22 5.91 -1.32
N ILE A 236 0.99 6.39 -1.28
CA ILE A 236 -0.16 5.92 -2.12
C ILE A 236 0.12 6.05 -3.61
N THR A 237 0.89 7.08 -4.02
CA THR A 237 1.14 7.45 -5.43
C THR A 237 2.52 6.96 -5.90
N ARG A 238 3.19 6.11 -5.14
CA ARG A 238 4.53 5.55 -5.43
C ARG A 238 4.68 5.23 -6.92
N ILE A 239 3.72 4.53 -7.53
CA ILE A 239 3.90 4.02 -8.91
C ILE A 239 3.92 5.20 -9.90
N ALA A 240 3.45 6.40 -9.51
CA ALA A 240 3.49 7.59 -10.38
C ALA A 240 4.92 8.08 -10.64
N SER A 241 5.91 7.60 -9.88
CA SER A 241 7.32 7.96 -10.08
C SER A 241 8.04 6.94 -10.97
N SER A 242 7.36 5.86 -11.39
CA SER A 242 7.94 4.87 -12.34
C SER A 242 8.16 5.54 -13.71
N SER A 243 8.95 4.93 -14.58
CA SER A 243 9.36 5.45 -15.92
C SER A 243 8.16 5.87 -16.77
N PRO A 244 8.02 7.17 -17.08
CA PRO A 244 7.00 7.62 -18.03
C PRO A 244 7.10 6.94 -19.40
N LYS A 245 8.32 6.77 -19.92
CA LYS A 245 8.55 6.10 -21.22
C LYS A 245 7.98 4.66 -21.17
N MET A 246 8.34 3.87 -20.17
CA MET A 246 7.89 2.47 -20.07
C MET A 246 6.36 2.45 -19.91
N TRP A 247 5.79 3.30 -19.07
CA TRP A 247 4.34 3.23 -18.76
C TRP A 247 3.54 3.78 -19.94
N SER A 248 4.06 4.74 -20.71
CA SER A 248 3.36 5.19 -21.94
C SER A 248 3.33 4.07 -22.98
N ASP A 249 4.42 3.29 -23.13
CA ASP A 249 4.46 2.11 -24.04
C ASP A 249 3.46 1.03 -23.57
N ILE A 250 3.36 0.79 -22.27
CA ILE A 250 2.39 -0.23 -21.77
C ILE A 250 0.95 0.26 -22.04
N VAL A 251 0.65 1.52 -21.79
CA VAL A 251 -0.72 2.08 -22.02
C VAL A 251 -1.06 1.93 -23.50
N LYS A 252 -0.13 2.27 -24.40
CA LYS A 252 -0.26 2.07 -25.87
C LYS A 252 -0.56 0.58 -26.16
N GLN A 253 0.28 -0.33 -25.68
CA GLN A 253 0.17 -1.78 -25.96
C GLN A 253 -1.16 -2.32 -25.39
N ASN A 254 -1.70 -1.78 -24.29
CA ASN A 254 -2.97 -2.30 -23.70
C ASN A 254 -4.11 -1.27 -23.81
N ARG A 255 -4.11 -0.44 -24.85
CA ARG A 255 -4.98 0.76 -24.97
C ARG A 255 -6.48 0.40 -24.87
N GLU A 256 -6.93 -0.60 -25.59
CA GLU A 256 -8.38 -0.92 -25.70
C GLU A 256 -8.90 -1.39 -24.33
N HIS A 257 -8.14 -2.22 -23.63
CA HIS A 257 -8.51 -2.70 -22.27
C HIS A 257 -8.63 -1.49 -21.36
N LEU A 258 -7.68 -0.57 -21.42
CA LEU A 258 -7.63 0.58 -20.48
C LEU A 258 -8.75 1.58 -20.83
N MET A 259 -9.08 1.75 -22.10
CA MET A 259 -10.22 2.60 -22.52
C MET A 259 -11.52 2.08 -21.92
N VAL A 260 -11.79 0.77 -22.03
CA VAL A 260 -13.02 0.18 -21.45
C VAL A 260 -13.00 0.44 -19.94
N LEU A 261 -11.87 0.26 -19.28
CA LEU A 261 -11.80 0.39 -17.80
C LEU A 261 -12.01 1.85 -17.42
N LEU A 262 -11.41 2.81 -18.15
CA LEU A 262 -11.56 4.25 -17.86
C LEU A 262 -13.02 4.67 -18.00
N LYS A 263 -13.70 4.21 -19.06
CA LYS A 263 -15.14 4.55 -19.27
C LYS A 263 -15.98 3.98 -18.11
N GLU A 264 -15.67 2.77 -17.65
CA GLU A 264 -16.42 2.19 -16.51
C GLU A 264 -16.08 2.98 -15.24
N TRP A 265 -14.83 3.39 -15.08
CA TRP A 265 -14.39 4.18 -13.90
C TRP A 265 -15.16 5.49 -13.84
N ILE A 266 -15.31 6.17 -14.97
CA ILE A 266 -16.01 7.47 -15.04
C ILE A 266 -17.47 7.25 -14.60
N SER A 267 -18.07 6.15 -15.05
CA SER A 267 -19.46 5.81 -14.66
C SER A 267 -19.52 5.53 -13.14
N GLU A 268 -18.51 4.86 -12.60
CA GLU A 268 -18.47 4.55 -11.16
C GLU A 268 -18.30 5.84 -10.34
N MET A 269 -17.48 6.79 -10.82
CA MET A 269 -17.26 8.10 -10.17
C MET A 269 -18.57 8.91 -10.18
N GLU A 270 -19.35 8.84 -11.25
CA GLU A 270 -20.67 9.53 -11.34
C GLU A 270 -21.64 8.94 -10.30
N ASP A 271 -21.68 7.61 -10.15
CA ASP A 271 -22.47 6.96 -9.06
C ASP A 271 -21.94 7.36 -7.69
N LEU A 272 -20.62 7.48 -7.53
CA LEU A 272 -20.01 7.86 -6.23
C LEU A 272 -20.39 9.31 -5.94
N TYR A 273 -20.41 10.17 -6.97
CA TYR A 273 -20.88 11.57 -6.81
C TYR A 273 -22.31 11.59 -6.28
N ASP A 274 -23.20 10.79 -6.85
CA ASP A 274 -24.62 10.72 -6.41
C ASP A 274 -24.67 10.24 -4.95
N THR A 275 -23.90 9.22 -4.57
CA THR A 275 -23.86 8.72 -3.16
C THR A 275 -23.42 9.86 -2.22
N VAL A 276 -22.30 10.52 -2.49
CA VAL A 276 -21.74 11.59 -1.62
C VAL A 276 -22.74 12.74 -1.52
N SER A 277 -23.29 13.15 -2.65
CA SER A 277 -24.14 14.36 -2.75
C SER A 277 -25.45 14.15 -1.99
N SER A 278 -25.94 12.90 -1.93
CA SER A 278 -27.16 12.50 -1.18
C SER A 278 -26.94 12.62 0.34
N GLY A 279 -25.67 12.62 0.81
CA GLY A 279 -25.33 12.83 2.23
C GLY A 279 -25.78 11.69 3.15
N ASP A 280 -26.34 10.58 2.64
CA ASP A 280 -26.86 9.42 3.41
C ASP A 280 -25.71 8.62 4.08
N ALA A 281 -25.62 8.71 5.41
CA ALA A 281 -24.49 8.16 6.21
C ALA A 281 -24.46 6.64 6.03
N GLY A 282 -25.63 5.98 5.95
CA GLY A 282 -25.78 4.53 5.69
C GLY A 282 -25.10 4.12 4.39
N GLU A 283 -25.51 4.70 3.26
CA GLU A 283 -24.98 4.41 1.90
C GLU A 283 -23.46 4.64 1.86
N ILE A 284 -22.99 5.77 2.40
CA ILE A 284 -21.52 6.09 2.38
C ILE A 284 -20.79 5.04 3.23
N GLN A 285 -21.32 4.70 4.39
CA GLN A 285 -20.69 3.68 5.27
C GLN A 285 -20.62 2.36 4.51
N ASN A 286 -21.71 1.93 3.86
CA ASN A 286 -21.71 0.65 3.09
C ASN A 286 -20.59 0.69 2.05
N TYR A 287 -20.41 1.83 1.39
CA TYR A 287 -19.42 2.00 0.31
C TYR A 287 -18.02 1.74 0.86
N PHE A 288 -17.69 2.28 2.05
CA PHE A 288 -16.37 2.12 2.70
C PHE A 288 -16.25 0.69 3.28
N ALA A 289 -17.32 0.18 3.86
CA ALA A 289 -17.35 -1.15 4.50
C ALA A 289 -17.09 -2.24 3.44
N ASP A 290 -17.77 -2.17 2.30
CA ASP A 290 -17.59 -3.13 1.17
C ASP A 290 -16.12 -3.12 0.72
N ALA A 291 -15.56 -1.94 0.44
CA ALA A 291 -14.13 -1.81 0.06
C ALA A 291 -13.21 -2.37 1.15
N LYS A 292 -13.45 -2.07 2.42
CA LYS A 292 -12.57 -2.55 3.52
C LYS A 292 -12.63 -4.08 3.58
N GLU A 293 -13.82 -4.65 3.51
CA GLU A 293 -13.98 -6.12 3.66
C GLU A 293 -13.31 -6.82 2.47
N TYR A 294 -13.47 -6.30 1.26
CA TYR A 294 -12.84 -6.92 0.08
C TYR A 294 -11.32 -6.80 0.23
N ARG A 295 -10.81 -5.61 0.53
CA ARG A 295 -9.34 -5.41 0.55
C ARG A 295 -8.73 -6.33 1.64
N ASP A 296 -9.35 -6.37 2.83
CA ASP A 296 -8.82 -7.15 3.99
C ASP A 296 -8.74 -8.63 3.59
N SER A 297 -9.65 -9.09 2.72
CA SER A 297 -9.78 -10.52 2.35
C SER A 297 -8.68 -10.91 1.34
N LEU A 298 -8.00 -9.96 0.72
CA LEU A 298 -7.03 -10.33 -0.35
C LEU A 298 -5.83 -10.99 0.32
N PRO A 299 -5.24 -12.06 -0.23
CA PRO A 299 -5.80 -12.77 -1.39
C PRO A 299 -6.95 -13.71 -1.02
N VAL A 300 -7.99 -13.80 -1.85
CA VAL A 300 -9.15 -14.71 -1.58
C VAL A 300 -8.83 -16.09 -2.15
N ARG A 301 -8.49 -17.03 -1.25
CA ARG A 301 -8.30 -18.48 -1.52
C ARG A 301 -9.57 -18.97 -2.21
N LYS A 302 -9.45 -19.55 -3.41
CA LYS A 302 -10.61 -20.07 -4.16
C LYS A 302 -10.32 -21.53 -4.56
N ARG A 303 -11.27 -22.16 -5.25
CA ARG A 303 -11.18 -23.54 -5.76
C ARG A 303 -10.05 -23.61 -6.80
N GLY A 304 -9.92 -22.57 -7.63
CA GLY A 304 -9.08 -22.57 -8.85
C GLY A 304 -7.72 -21.91 -8.68
N ALA A 305 -7.33 -21.53 -7.45
CA ALA A 305 -5.98 -21.02 -7.13
C ALA A 305 -4.95 -22.11 -7.49
N ILE A 306 -4.19 -21.92 -8.58
CA ILE A 306 -3.35 -23.01 -9.16
C ILE A 306 -2.34 -23.45 -8.11
N PRO A 307 -1.65 -22.50 -7.42
CA PRO A 307 -0.91 -22.85 -6.20
C PRO A 307 -1.96 -22.95 -5.07
N ALA A 308 -2.48 -24.17 -4.82
CA ALA A 308 -3.48 -24.41 -3.75
C ALA A 308 -2.80 -24.28 -2.37
N TYR A 309 -3.37 -23.47 -1.45
CA TYR A 309 -2.81 -23.20 -0.09
C TYR A 309 -3.93 -23.23 0.97
N HIS A 310 -3.53 -23.23 2.26
CA HIS A 310 -4.42 -23.57 3.39
C HIS A 310 -4.12 -22.63 4.55
N ASP A 311 -5.14 -21.96 5.06
CA ASP A 311 -5.04 -20.80 5.99
C ASP A 311 -5.30 -21.27 7.42
N LEU A 312 -4.50 -20.75 8.35
CA LEU A 312 -4.79 -20.77 9.81
C LEU A 312 -4.81 -19.33 10.32
N TYR A 313 -5.81 -18.98 11.10
CA TYR A 313 -5.92 -17.63 11.72
C TYR A 313 -5.56 -17.79 13.19
N VAL A 314 -4.71 -16.90 13.70
CA VAL A 314 -4.18 -16.97 15.10
C VAL A 314 -4.42 -15.63 15.79
N ASP A 315 -5.06 -15.67 16.95
CA ASP A 315 -5.21 -14.46 17.81
C ASP A 315 -3.85 -14.12 18.42
N VAL A 316 -3.34 -12.91 18.15
CA VAL A 316 -2.01 -12.44 18.63
C VAL A 316 -2.17 -11.02 19.22
N LEU A 317 -1.38 -10.73 20.24
CA LEU A 317 -1.38 -9.42 20.95
C LEU A 317 -0.40 -8.49 20.25
N ASP A 318 -0.74 -7.22 20.10
CA ASP A 318 0.18 -6.21 19.50
C ASP A 318 1.27 -5.85 20.52
N LYS A 319 2.29 -6.69 20.65
CA LYS A 319 3.43 -6.47 21.57
C LYS A 319 4.70 -6.91 20.88
N VAL A 320 5.83 -6.35 21.29
CA VAL A 320 7.16 -6.81 20.82
C VAL A 320 7.21 -8.33 20.99
N GLY A 321 7.64 -9.03 19.94
CA GLY A 321 7.93 -10.47 19.99
C GLY A 321 6.73 -11.36 19.75
N ALA A 322 5.52 -10.84 19.55
CA ALA A 322 4.34 -11.70 19.33
C ALA A 322 4.58 -12.58 18.08
N LEU A 323 4.90 -11.97 16.95
CA LEU A 323 5.18 -12.73 15.70
C LEU A 323 6.45 -13.58 15.86
N ALA A 324 7.47 -13.07 16.55
CA ALA A 324 8.72 -13.83 16.81
C ALA A 324 8.39 -15.17 17.49
N HIS A 325 7.49 -15.17 18.47
CA HIS A 325 7.17 -16.41 19.22
C HIS A 325 6.39 -17.39 18.31
N VAL A 326 5.40 -16.90 17.57
CA VAL A 326 4.58 -17.74 16.63
C VAL A 326 5.52 -18.39 15.60
N THR A 327 6.35 -17.61 14.93
CA THR A 327 7.19 -18.13 13.83
C THR A 327 8.26 -19.06 14.41
N SER A 328 8.74 -18.79 15.61
CA SER A 328 9.73 -19.66 16.29
C SER A 328 9.11 -21.07 16.53
N ILE A 329 7.88 -21.13 17.01
CA ILE A 329 7.15 -22.41 17.26
C ILE A 329 7.01 -23.17 15.94
N LEU A 330 6.60 -22.50 14.87
CA LEU A 330 6.40 -23.18 13.58
C LEU A 330 7.77 -23.59 13.01
N ALA A 331 8.82 -22.78 13.14
CA ALA A 331 10.17 -23.15 12.62
C ALA A 331 10.72 -24.38 13.36
N ARG A 332 10.57 -24.41 14.67
CA ARG A 332 11.04 -25.54 15.51
C ARG A 332 10.29 -26.81 15.10
N GLU A 333 9.06 -26.71 14.61
CA GLU A 333 8.31 -27.90 14.14
C GLU A 333 8.66 -28.15 12.67
N GLU A 334 9.59 -27.39 12.06
CA GLU A 334 9.99 -27.60 10.64
C GLU A 334 8.78 -27.37 9.70
N ILE A 335 7.93 -26.41 10.04
CA ILE A 335 6.80 -25.98 9.16
C ILE A 335 7.24 -24.75 8.37
N SER A 336 7.16 -24.82 7.04
CA SER A 336 7.37 -23.70 6.08
C SER A 336 6.10 -22.87 5.98
N ILE A 337 6.23 -21.55 6.06
CA ILE A 337 5.10 -20.59 5.89
C ILE A 337 5.16 -20.04 4.48
N THR A 338 4.04 -20.02 3.76
CA THR A 338 4.01 -19.49 2.36
C THR A 338 3.65 -18.00 2.41
N ASN A 339 2.84 -17.60 3.38
CA ASN A 339 2.43 -16.19 3.50
C ASN A 339 1.92 -15.93 4.91
N LEU A 340 1.97 -14.67 5.29
CA LEU A 340 1.28 -14.23 6.53
C LEU A 340 0.96 -12.76 6.42
N GLN A 341 -0.10 -12.37 7.14
CA GLN A 341 -0.48 -10.96 7.28
C GLN A 341 -1.33 -10.79 8.53
N ILE A 342 -1.33 -9.56 9.03
CA ILE A 342 -2.06 -9.18 10.26
C ILE A 342 -3.34 -8.50 9.79
N LEU A 343 -4.50 -8.93 10.29
CA LEU A 343 -5.82 -8.26 10.11
C LEU A 343 -6.23 -7.62 11.46
N GLU A 344 -6.68 -6.38 11.42
CA GLU A 344 -7.21 -5.65 12.61
C GLU A 344 -8.70 -5.96 12.70
N ALA A 345 -9.01 -7.18 13.16
CA ALA A 345 -10.36 -7.79 13.18
C ALA A 345 -10.87 -7.97 14.62
N ARG A 346 -10.18 -7.40 15.62
CA ARG A 346 -10.53 -7.46 17.07
C ARG A 346 -10.59 -6.01 17.59
N GLU A 347 -10.63 -5.81 18.91
CA GLU A 347 -11.11 -4.52 19.49
C GLU A 347 -9.92 -3.66 19.96
N GLY A 348 -8.99 -4.23 20.74
CA GLY A 348 -7.94 -3.45 21.43
C GLY A 348 -6.54 -3.82 20.93
N LEU A 349 -5.70 -4.35 21.82
CA LEU A 349 -4.34 -4.88 21.48
C LEU A 349 -4.45 -6.18 20.66
N LEU A 350 -5.58 -6.88 20.68
CA LEU A 350 -5.71 -8.19 20.00
C LEU A 350 -5.84 -7.96 18.47
N GLY A 351 -5.11 -8.75 17.71
CA GLY A 351 -5.08 -8.75 16.25
C GLY A 351 -5.18 -10.17 15.78
N VAL A 352 -5.39 -10.39 14.49
CA VAL A 352 -5.47 -11.76 13.92
C VAL A 352 -4.33 -11.91 12.93
N LEU A 353 -3.56 -12.96 13.11
CA LEU A 353 -2.52 -13.36 12.16
C LEU A 353 -3.09 -14.40 11.21
N ARG A 354 -3.13 -14.12 9.92
CA ARG A 354 -3.52 -15.09 8.87
C ARG A 354 -2.25 -15.77 8.36
N ILE A 355 -2.12 -17.07 8.56
CA ILE A 355 -0.89 -17.82 8.10
C ILE A 355 -1.29 -18.81 7.03
N SER A 356 -0.57 -18.79 5.91
CA SER A 356 -0.86 -19.69 4.77
C SER A 356 0.24 -20.76 4.70
N PHE A 357 -0.18 -21.98 4.39
CA PHE A 357 0.69 -23.17 4.19
C PHE A 357 0.36 -23.75 2.82
N GLN A 358 1.38 -24.30 2.17
CA GLN A 358 1.29 -25.08 0.91
C GLN A 358 0.45 -26.34 1.14
N ARG A 359 0.65 -27.04 2.25
CA ARG A 359 0.03 -28.38 2.48
C ARG A 359 -0.93 -28.37 3.66
N GLU A 360 -2.05 -29.09 3.56
CA GLU A 360 -3.02 -29.27 4.66
C GLU A 360 -2.29 -29.83 5.89
N GLU A 361 -1.35 -30.76 5.71
CA GLU A 361 -0.64 -31.39 6.86
C GLU A 361 0.14 -30.32 7.62
N ASP A 362 0.73 -29.34 6.95
CA ASP A 362 1.47 -28.23 7.62
C ASP A 362 0.49 -27.37 8.42
N ARG A 363 -0.68 -27.06 7.84
CA ARG A 363 -1.67 -26.27 8.60
C ARG A 363 -2.02 -27.04 9.88
N MET A 364 -2.29 -28.34 9.76
CA MET A 364 -2.70 -29.21 10.90
C MET A 364 -1.61 -29.23 11.96
N LYS A 365 -0.35 -29.42 11.57
CA LYS A 365 0.78 -29.38 12.54
C LYS A 365 0.82 -27.99 13.18
N ALA A 366 0.58 -26.93 12.42
CA ALA A 366 0.71 -25.55 12.93
C ALA A 366 -0.39 -25.36 14.00
N LYS A 367 -1.61 -25.80 13.69
CA LYS A 367 -2.77 -25.67 14.61
C LYS A 367 -2.46 -26.40 15.93
N LEU A 368 -1.89 -27.60 15.85
CA LEU A 368 -1.59 -28.43 17.04
C LEU A 368 -0.51 -27.74 17.85
N ALA A 369 0.58 -27.35 17.19
CA ALA A 369 1.78 -26.78 17.84
C ALA A 369 1.38 -25.50 18.59
N LEU A 370 0.58 -24.64 17.96
CA LEU A 370 0.16 -23.35 18.56
C LEU A 370 -0.88 -23.61 19.66
N GLY A 371 -1.75 -24.61 19.47
CA GLY A 371 -2.74 -25.01 20.48
C GLY A 371 -2.07 -25.43 21.80
N GLU A 372 -1.02 -26.25 21.72
CA GLU A 372 -0.23 -26.70 22.91
C GLU A 372 0.47 -25.50 23.59
N GLU A 373 0.73 -24.40 22.87
CA GLU A 373 1.31 -23.15 23.43
C GLU A 373 0.18 -22.17 23.81
N LYS A 374 -1.08 -22.63 23.84
CA LYS A 374 -2.23 -21.86 24.40
C LYS A 374 -2.62 -20.70 23.51
N TYR A 375 -2.37 -20.76 22.21
CA TYR A 375 -2.93 -19.79 21.23
C TYR A 375 -4.36 -20.23 20.84
N GLN A 376 -5.24 -19.25 20.67
CA GLN A 376 -6.53 -19.42 19.98
C GLN A 376 -6.29 -19.40 18.46
N THR A 377 -6.73 -20.44 17.76
CA THR A 377 -6.66 -20.55 16.27
C THR A 377 -8.03 -20.84 15.67
N TYR A 378 -8.20 -20.59 14.38
CA TYR A 378 -9.42 -20.84 13.58
C TYR A 378 -9.01 -21.15 12.13
N GLU A 379 -9.86 -21.82 11.37
CA GLU A 379 -9.56 -22.17 9.95
C GLU A 379 -10.37 -21.31 8.98
N THR A 380 -11.44 -20.67 9.46
CA THR A 380 -12.25 -19.69 8.70
C THR A 380 -12.55 -18.52 9.63
N ILE A 381 -12.67 -17.29 9.11
CA ILE A 381 -13.17 -16.14 9.90
C ILE A 381 -14.28 -15.40 9.12
N ARG B 17 -2.65 23.18 41.45
CA ARG B 17 -2.28 22.70 40.09
C ARG B 17 -3.52 22.74 39.19
N LYS B 18 -3.34 22.60 37.88
CA LYS B 18 -4.41 22.82 36.88
C LYS B 18 -5.13 21.51 36.56
N LYS B 19 -6.36 21.62 36.08
CA LYS B 19 -7.29 20.49 35.83
C LYS B 19 -7.59 20.44 34.33
N VAL B 20 -7.49 19.24 33.78
CA VAL B 20 -7.80 18.89 32.38
C VAL B 20 -8.93 17.87 32.42
N VAL B 21 -9.95 18.06 31.58
CA VAL B 21 -10.99 17.03 31.34
C VAL B 21 -10.72 16.49 29.94
N LEU B 22 -10.71 15.17 29.79
CA LEU B 22 -10.58 14.49 28.49
C LEU B 22 -11.88 13.73 28.26
N ILE B 23 -12.62 14.13 27.23
CA ILE B 23 -13.92 13.53 26.83
C ILE B 23 -13.68 12.65 25.61
N GLY B 24 -13.74 11.33 25.77
CA GLY B 24 -13.34 10.32 24.77
C GLY B 24 -11.90 9.89 25.03
N THR B 25 -11.69 8.83 25.79
CA THR B 25 -10.32 8.38 26.22
C THR B 25 -9.91 7.22 25.31
N GLY B 26 -9.74 7.52 24.02
CA GLY B 26 -9.28 6.54 23.02
C GLY B 26 -7.83 6.77 22.62
N LEU B 27 -7.51 6.49 21.36
CA LEU B 27 -6.13 6.53 20.83
C LEU B 27 -5.63 7.97 20.90
N ILE B 28 -6.33 8.84 20.20
CA ILE B 28 -5.93 10.25 20.01
C ILE B 28 -6.07 10.97 21.37
N GLY B 29 -7.23 10.90 22.03
CA GLY B 29 -7.42 11.45 23.39
C GLY B 29 -6.30 11.04 24.34
N GLY B 30 -6.11 9.74 24.47
CA GLY B 30 -5.13 9.17 25.42
C GLY B 30 -3.74 9.67 25.12
N SER B 31 -3.36 9.76 23.84
CA SER B 31 -2.02 10.19 23.41
C SER B 31 -1.82 11.66 23.80
N LEU B 32 -2.87 12.47 23.66
CA LEU B 32 -2.84 13.90 24.03
C LEU B 32 -2.67 14.01 25.54
N ALA B 33 -3.39 13.20 26.32
CA ALA B 33 -3.30 13.21 27.80
C ALA B 33 -1.87 12.90 28.20
N LEU B 34 -1.27 11.86 27.61
CA LEU B 34 0.14 11.52 27.88
C LEU B 34 1.05 12.68 27.46
N ALA B 35 0.83 13.30 26.30
CA ALA B 35 1.74 14.39 25.87
C ALA B 35 1.60 15.59 26.84
N ILE B 36 0.40 15.81 27.38
CA ILE B 36 0.12 16.93 28.33
C ILE B 36 0.88 16.67 29.64
N LYS B 37 0.72 15.47 30.24
CA LYS B 37 1.33 15.11 31.55
C LYS B 37 2.84 15.08 31.40
N LYS B 38 3.35 14.81 30.21
CA LYS B 38 4.80 14.82 29.94
C LYS B 38 5.38 16.17 30.38
N ASP B 39 4.75 17.30 30.04
CA ASP B 39 5.37 18.64 30.22
C ASP B 39 4.65 19.48 31.29
N HIS B 40 3.64 18.93 31.96
CA HIS B 40 2.81 19.69 32.94
C HIS B 40 2.40 18.78 34.10
N ASP B 41 2.57 19.25 35.34
CA ASP B 41 1.92 18.65 36.53
C ASP B 41 0.44 19.05 36.53
N VAL B 42 -0.45 18.15 36.15
CA VAL B 42 -1.92 18.41 36.10
C VAL B 42 -2.70 17.18 36.56
N THR B 43 -3.94 17.40 36.98
CA THR B 43 -4.94 16.34 37.17
C THR B 43 -5.73 16.23 35.88
N ILE B 44 -5.77 15.06 35.27
CA ILE B 44 -6.60 14.79 34.07
C ILE B 44 -7.74 13.87 34.52
N THR B 45 -8.97 14.36 34.38
CA THR B 45 -10.21 13.58 34.62
C THR B 45 -10.68 13.06 33.26
N GLY B 46 -10.86 11.74 33.17
CA GLY B 46 -11.33 11.08 31.94
C GLY B 46 -12.82 10.87 32.02
N TYR B 47 -13.48 11.04 30.88
CA TYR B 47 -14.93 10.77 30.67
C TYR B 47 -15.08 10.01 29.34
N ASP B 48 -15.78 8.89 29.39
CA ASP B 48 -16.01 8.09 28.17
C ASP B 48 -17.37 7.40 28.27
N ILE B 49 -18.05 7.31 27.13
CA ILE B 49 -19.37 6.65 26.99
C ILE B 49 -19.16 5.15 27.29
N PHE B 50 -18.01 4.58 26.96
CA PHE B 50 -17.67 3.17 27.32
C PHE B 50 -16.84 3.17 28.61
N GLN B 51 -17.50 2.90 29.73
CA GLN B 51 -16.89 2.92 31.09
C GLN B 51 -15.55 2.17 31.12
N GLU B 52 -15.44 1.01 30.51
CA GLU B 52 -14.23 0.14 30.62
C GLU B 52 -13.01 0.83 30.00
N GLN B 53 -13.23 1.71 29.00
CA GLN B 53 -12.13 2.42 28.29
C GLN B 53 -11.48 3.42 29.26
N VAL B 54 -12.31 4.23 29.92
CA VAL B 54 -11.78 5.28 30.84
C VAL B 54 -11.17 4.55 32.06
N GLU B 55 -11.80 3.46 32.54
CA GLU B 55 -11.26 2.61 33.63
C GLU B 55 -9.85 2.15 33.26
N ARG B 56 -9.70 1.68 32.02
CA ARG B 56 -8.41 1.18 31.48
C ARG B 56 -7.41 2.35 31.39
N ALA B 57 -7.87 3.54 30.99
CA ALA B 57 -7.07 4.78 30.92
C ALA B 57 -6.53 5.13 32.31
N LYS B 58 -7.38 5.03 33.33
CA LYS B 58 -6.94 5.28 34.72
C LYS B 58 -5.92 4.20 35.12
N GLU B 59 -6.19 2.94 34.79
CA GLU B 59 -5.24 1.82 35.11
C GLU B 59 -3.86 2.10 34.49
N LEU B 60 -3.80 2.75 33.32
CA LEU B 60 -2.53 2.97 32.57
C LEU B 60 -1.91 4.34 32.89
N HIS B 61 -2.48 5.12 33.81
CA HIS B 61 -1.99 6.46 34.21
C HIS B 61 -2.04 7.42 33.01
N VAL B 62 -2.94 7.18 32.06
CA VAL B 62 -3.29 8.11 30.96
C VAL B 62 -4.15 9.25 31.54
N VAL B 63 -5.13 8.92 32.39
CA VAL B 63 -5.87 9.92 33.21
C VAL B 63 -5.63 9.63 34.70
N ASP B 64 -5.89 10.62 35.56
CA ASP B 64 -5.67 10.54 37.04
C ASP B 64 -6.99 10.15 37.72
N GLU B 65 -8.11 10.55 37.13
CA GLU B 65 -9.44 10.41 37.75
C GLU B 65 -10.47 10.14 36.66
N ILE B 66 -11.59 9.54 37.05
CA ILE B 66 -12.75 9.24 36.19
C ILE B 66 -13.94 10.09 36.65
N ALA B 67 -14.68 10.66 35.71
CA ALA B 67 -16.04 11.21 35.93
C ALA B 67 -17.06 10.44 35.07
N VAL B 68 -18.22 10.09 35.63
CA VAL B 68 -19.37 9.56 34.83
C VAL B 68 -20.39 10.69 34.59
N ASP B 69 -20.32 11.78 35.36
CA ASP B 69 -21.06 13.05 35.13
C ASP B 69 -20.04 14.13 34.77
N LEU B 70 -20.31 14.87 33.68
CA LEU B 70 -19.43 15.90 33.08
C LEU B 70 -19.38 17.18 33.93
N GLN B 71 -20.49 17.58 34.54
CA GLN B 71 -20.68 19.00 34.96
C GLN B 71 -19.59 19.42 35.94
N HIS B 72 -19.42 18.70 37.05
CA HIS B 72 -18.50 19.15 38.13
C HIS B 72 -17.08 19.25 37.58
N ALA B 73 -16.59 18.23 36.88
CA ALA B 73 -15.21 18.20 36.33
C ALA B 73 -15.03 19.35 35.33
N CYS B 74 -16.01 19.59 34.48
CA CYS B 74 -15.90 20.61 33.40
C CYS B 74 -15.85 22.01 34.01
N GLU B 75 -16.66 22.26 35.04
CA GLU B 75 -16.80 23.58 35.70
C GLU B 75 -15.51 23.94 36.47
N GLU B 76 -14.64 22.99 36.79
CA GLU B 76 -13.35 23.30 37.47
C GLU B 76 -12.17 23.16 36.48
N ALA B 77 -12.40 22.83 35.21
CA ALA B 77 -11.35 22.57 34.21
C ALA B 77 -10.74 23.88 33.69
N HIS B 78 -9.41 23.91 33.56
CA HIS B 78 -8.66 24.96 32.83
C HIS B 78 -8.63 24.59 31.36
N LEU B 79 -8.65 23.30 31.05
CA LEU B 79 -8.56 22.75 29.67
C LEU B 79 -9.58 21.62 29.53
N ILE B 80 -10.41 21.69 28.48
CA ILE B 80 -11.35 20.61 28.10
C ILE B 80 -11.02 20.16 26.68
N VAL B 81 -10.72 18.87 26.49
CA VAL B 81 -10.33 18.24 25.20
C VAL B 81 -11.41 17.24 24.81
N PHE B 82 -12.08 17.45 23.68
CA PHE B 82 -12.97 16.46 23.02
C PHE B 82 -12.19 15.60 22.05
N ALA B 83 -12.11 14.31 22.34
CA ALA B 83 -11.43 13.30 21.50
C ALA B 83 -12.43 12.19 21.14
N SER B 84 -13.73 12.49 21.26
CA SER B 84 -14.87 11.67 20.76
C SER B 84 -14.98 11.86 19.25
N PRO B 85 -15.71 10.99 18.51
CA PRO B 85 -15.94 11.22 17.09
C PRO B 85 -16.66 12.56 16.88
N VAL B 86 -16.48 13.18 15.71
CA VAL B 86 -16.93 14.58 15.43
C VAL B 86 -18.44 14.68 15.63
N GLU B 87 -19.21 13.68 15.20
CA GLU B 87 -20.68 13.71 15.36
C GLU B 87 -21.01 13.73 16.87
N GLU B 88 -20.26 13.00 17.70
CA GLU B 88 -20.51 12.95 19.16
C GLU B 88 -20.08 14.27 19.81
N THR B 89 -18.94 14.82 19.44
CA THR B 89 -18.45 16.14 19.96
C THR B 89 -19.51 17.22 19.71
N LYS B 90 -20.03 17.28 18.49
CA LYS B 90 -21.05 18.26 18.08
C LYS B 90 -22.19 18.19 19.09
N LYS B 91 -22.63 16.97 19.43
CA LYS B 91 -23.80 16.72 20.32
C LYS B 91 -23.46 17.20 21.73
N LEU B 92 -22.24 16.95 22.21
CA LEU B 92 -21.84 17.26 23.60
C LEU B 92 -21.58 18.76 23.80
N LEU B 93 -21.23 19.52 22.75
CA LEU B 93 -20.92 20.97 22.94
C LEU B 93 -22.13 21.68 23.59
N HIS B 94 -23.36 21.31 23.20
CA HIS B 94 -24.63 21.83 23.81
C HIS B 94 -24.55 21.69 25.33
N LYS B 95 -24.29 20.47 25.82
CA LYS B 95 -24.20 20.18 27.27
C LYS B 95 -23.16 21.12 27.90
N LEU B 96 -21.99 21.26 27.28
CA LEU B 96 -20.90 22.14 27.81
C LEU B 96 -21.40 23.57 27.96
N ALA B 97 -22.21 24.04 27.01
CA ALA B 97 -22.73 25.44 26.96
C ALA B 97 -23.64 25.72 28.16
N SER B 98 -24.33 24.71 28.71
CA SER B 98 -25.29 24.88 29.84
C SER B 98 -24.55 24.95 31.17
N PHE B 99 -23.26 24.57 31.24
CA PHE B 99 -22.44 24.58 32.48
C PHE B 99 -21.92 26.01 32.72
N HIS B 100 -21.52 26.32 33.96
CA HIS B 100 -20.80 27.56 34.34
C HIS B 100 -19.30 27.26 34.37
N LEU B 101 -18.61 27.45 33.25
CA LEU B 101 -17.17 27.12 33.06
C LEU B 101 -16.31 28.23 33.66
N ARG B 102 -15.04 27.95 33.93
CA ARG B 102 -14.08 28.98 34.44
C ARG B 102 -13.95 30.08 33.38
N GLU B 103 -13.67 31.32 33.81
CA GLU B 103 -13.37 32.49 32.93
C GLU B 103 -12.21 32.13 31.98
N ASP B 104 -11.20 31.42 32.46
CA ASP B 104 -9.94 31.20 31.67
C ASP B 104 -9.97 29.88 30.89
N VAL B 105 -11.08 29.14 30.84
CA VAL B 105 -11.09 27.77 30.23
C VAL B 105 -10.73 27.88 28.74
N ILE B 106 -9.90 26.95 28.26
CA ILE B 106 -9.75 26.66 26.80
C ILE B 106 -10.41 25.31 26.52
N VAL B 107 -11.23 25.26 25.47
CA VAL B 107 -11.95 24.06 24.98
C VAL B 107 -11.40 23.76 23.57
N THR B 108 -11.12 22.50 23.28
CA THR B 108 -10.51 22.08 21.98
C THR B 108 -11.06 20.70 21.66
N ASP B 109 -10.89 20.27 20.41
CA ASP B 109 -11.25 18.91 19.92
C ASP B 109 -10.11 18.43 19.06
N VAL B 110 -10.26 17.26 18.45
CA VAL B 110 -9.21 16.62 17.62
C VAL B 110 -9.81 16.17 16.29
N GLY B 111 -11.05 16.58 15.96
CA GLY B 111 -11.75 16.14 14.72
C GLY B 111 -10.95 16.29 13.43
N SER B 112 -11.05 15.31 12.55
CA SER B 112 -10.45 15.28 11.18
C SER B 112 -11.10 16.33 10.26
N THR B 113 -12.34 16.70 10.54
CA THR B 113 -13.05 17.82 9.87
C THR B 113 -13.29 18.91 10.92
N LYS B 114 -13.39 20.16 10.48
CA LYS B 114 -13.47 21.32 11.40
C LYS B 114 -14.69 22.19 11.09
N GLY B 115 -15.18 22.22 9.84
CA GLY B 115 -16.31 23.10 9.43
C GLY B 115 -17.53 22.94 10.35
N SER B 116 -18.03 21.72 10.54
CA SER B 116 -19.26 21.44 11.33
C SER B 116 -19.05 21.78 12.81
N ILE B 117 -17.90 21.35 13.35
CA ILE B 117 -17.52 21.60 14.76
C ILE B 117 -17.52 23.11 14.99
N MET B 118 -16.83 23.87 14.15
CA MET B 118 -16.60 25.32 14.36
C MET B 118 -17.94 26.07 14.15
N ASN B 119 -18.77 25.59 13.24
CA ASN B 119 -20.14 26.12 13.05
C ASN B 119 -20.93 26.06 14.36
N GLU B 120 -20.92 24.89 14.99
CA GLU B 120 -21.64 24.61 16.26
C GLU B 120 -21.02 25.47 17.37
N ALA B 121 -19.69 25.47 17.49
CA ALA B 121 -18.99 26.27 18.54
C ALA B 121 -19.34 27.76 18.39
N GLU B 122 -19.33 28.32 17.17
CA GLU B 122 -19.55 29.78 16.96
C GLU B 122 -21.00 30.10 17.36
N ALA B 123 -21.94 29.21 17.09
CA ALA B 123 -23.36 29.36 17.46
C ALA B 123 -23.51 29.37 19.00
N LEU B 124 -22.74 28.56 19.72
CA LEU B 124 -22.95 28.32 21.18
C LEU B 124 -22.13 29.31 22.01
N PHE B 125 -20.89 29.62 21.64
CA PHE B 125 -19.89 30.23 22.58
C PHE B 125 -19.42 31.63 22.17
N SER B 126 -19.68 32.11 20.93
CA SER B 126 -18.95 33.27 20.35
C SER B 126 -18.68 34.38 21.39
N LYS B 127 -17.46 34.94 21.36
CA LYS B 127 -16.97 36.08 22.19
C LYS B 127 -17.06 35.80 23.70
N GLU B 128 -17.26 34.55 24.12
CA GLU B 128 -17.57 34.21 25.54
C GLU B 128 -16.53 33.22 26.05
N ILE B 129 -16.45 32.05 25.41
CA ILE B 129 -15.63 30.87 25.80
C ILE B 129 -14.58 30.65 24.72
N SER B 130 -13.32 30.44 25.11
CA SER B 130 -12.19 30.22 24.17
C SER B 130 -12.27 28.80 23.60
N PHE B 131 -13.07 28.59 22.56
CA PHE B 131 -13.06 27.33 21.80
C PHE B 131 -12.06 27.44 20.65
N ILE B 132 -11.10 26.51 20.60
CA ILE B 132 -10.10 26.40 19.50
C ILE B 132 -10.18 24.98 18.95
N GLY B 133 -10.68 24.84 17.72
CA GLY B 133 -10.74 23.55 17.02
C GLY B 133 -9.33 23.01 16.83
N GLY B 134 -9.17 21.69 16.85
CA GLY B 134 -7.87 21.07 16.61
C GLY B 134 -7.96 19.87 15.70
N HIS B 135 -6.85 19.56 15.06
CA HIS B 135 -6.74 18.36 14.21
C HIS B 135 -5.28 17.95 14.20
N PRO B 136 -4.85 17.03 15.09
CA PRO B 136 -3.54 16.42 14.99
C PRO B 136 -3.50 15.42 13.82
N MET B 137 -2.59 15.58 12.88
CA MET B 137 -2.51 14.71 11.68
C MET B 137 -1.54 13.56 11.96
N ALA B 138 -2.04 12.61 12.72
CA ALA B 138 -1.32 11.38 13.09
C ALA B 138 -2.34 10.26 13.19
N GLY B 139 -1.95 9.04 12.83
CA GLY B 139 -2.85 7.88 12.90
C GLY B 139 -2.20 6.68 13.53
N SER B 140 -2.87 5.55 13.39
CA SER B 140 -2.41 4.27 13.98
C SER B 140 -3.16 3.14 13.28
N HIS B 141 -2.56 1.96 13.29
CA HIS B 141 -3.14 0.68 12.81
C HIS B 141 -4.28 0.29 13.77
N LYS B 142 -4.37 0.96 14.93
CA LYS B 142 -5.23 0.62 16.09
C LYS B 142 -6.09 1.82 16.48
N THR B 143 -7.25 1.54 17.09
CA THR B 143 -7.99 2.50 17.94
C THR B 143 -7.96 1.99 19.39
N GLY B 144 -8.34 2.85 20.33
CA GLY B 144 -8.42 2.50 21.76
C GLY B 144 -7.23 2.99 22.54
N VAL B 145 -7.44 3.19 23.84
CA VAL B 145 -6.47 3.85 24.77
C VAL B 145 -5.25 2.97 24.99
N GLU B 146 -5.37 1.65 24.82
CA GLU B 146 -4.21 0.75 25.08
C GLU B 146 -3.12 1.02 24.04
N SER B 147 -3.46 1.60 22.89
CA SER B 147 -2.48 1.94 21.84
C SER B 147 -2.07 3.43 21.89
N ALA B 148 -2.50 4.19 22.91
CA ALA B 148 -2.12 5.61 23.09
C ALA B 148 -0.62 5.69 23.39
N LYS B 149 0.05 6.71 22.84
CA LYS B 149 1.52 6.97 22.99
C LYS B 149 1.75 8.48 23.13
N ALA B 150 2.58 8.88 24.09
CA ALA B 150 3.01 10.28 24.33
C ALA B 150 3.57 10.88 23.04
N HIS B 151 4.28 10.08 22.24
CA HIS B 151 5.04 10.54 21.05
C HIS B 151 4.22 10.41 19.75
N LEU B 152 2.92 10.07 19.80
CA LEU B 152 2.14 9.79 18.56
C LEU B 152 2.27 10.95 17.56
N PHE B 153 2.37 12.20 18.06
CA PHE B 153 2.19 13.43 17.26
C PHE B 153 3.53 14.11 16.95
N GLU B 154 4.64 13.47 17.25
CA GLU B 154 5.98 14.09 17.17
C GLU B 154 6.27 14.43 15.71
N ASN B 155 6.62 15.68 15.43
CA ASN B 155 6.92 16.15 14.05
C ASN B 155 5.68 16.04 13.14
N ALA B 156 4.48 15.80 13.66
CA ALA B 156 3.22 15.82 12.88
C ALA B 156 2.69 17.26 12.79
N PHE B 157 2.02 17.60 11.70
CA PHE B 157 1.17 18.83 11.65
C PHE B 157 0.05 18.67 12.67
N TYR B 158 -0.18 19.74 13.42
CA TYR B 158 -1.34 19.87 14.33
C TYR B 158 -2.02 21.20 13.98
N ILE B 159 -3.15 21.13 13.30
CA ILE B 159 -3.91 22.34 12.89
C ILE B 159 -4.83 22.79 14.05
N LEU B 160 -4.82 24.08 14.35
CA LEU B 160 -5.71 24.77 15.32
C LEU B 160 -6.56 25.76 14.54
N THR B 161 -7.87 25.77 14.80
CA THR B 161 -8.81 26.68 14.10
C THR B 161 -9.54 27.47 15.18
N PRO B 162 -9.00 28.61 15.65
CA PRO B 162 -9.63 29.37 16.71
C PRO B 162 -10.94 29.99 16.22
N MET B 163 -11.97 30.08 17.04
CA MET B 163 -13.17 30.90 16.70
C MET B 163 -12.70 32.34 16.38
N HIS B 164 -13.54 33.13 15.69
CA HIS B 164 -13.17 34.43 15.08
C HIS B 164 -12.62 35.41 16.11
N HIS B 165 -13.10 35.39 17.36
CA HIS B 165 -12.76 36.44 18.37
C HIS B 165 -12.04 35.82 19.57
N VAL B 166 -11.43 34.64 19.43
CA VAL B 166 -10.54 34.07 20.49
C VAL B 166 -9.27 34.92 20.49
N PRO B 167 -8.85 35.48 21.64
CA PRO B 167 -7.57 36.20 21.72
C PRO B 167 -6.38 35.30 21.31
N ASN B 168 -5.43 35.86 20.57
CA ASN B 168 -4.25 35.10 20.10
C ASN B 168 -3.48 34.57 21.32
N GLU B 169 -3.55 35.25 22.48
CA GLU B 169 -2.96 34.81 23.76
C GLU B 169 -3.46 33.41 24.15
N HIS B 170 -4.75 33.11 23.93
CA HIS B 170 -5.34 31.78 24.27
C HIS B 170 -4.82 30.71 23.29
N VAL B 171 -4.57 31.05 22.03
CA VAL B 171 -3.96 30.10 21.06
C VAL B 171 -2.55 29.74 21.55
N GLU B 172 -1.76 30.72 21.99
CA GLU B 172 -0.39 30.50 22.54
C GLU B 172 -0.46 29.62 23.80
N GLU B 173 -1.43 29.87 24.69
CA GLU B 173 -1.60 29.03 25.92
C GLU B 173 -1.87 27.59 25.48
N LEU B 174 -2.73 27.37 24.47
CA LEU B 174 -3.04 26.01 24.00
C LEU B 174 -1.79 25.35 23.42
N LYS B 175 -1.03 26.05 22.59
CA LYS B 175 0.23 25.47 22.04
C LYS B 175 1.14 25.09 23.22
N ASP B 176 1.13 25.90 24.30
CA ASP B 176 1.96 25.58 25.49
C ASP B 176 1.40 24.33 26.20
N TRP B 177 0.09 24.24 26.45
CA TRP B 177 -0.56 23.00 26.97
C TRP B 177 -0.02 21.78 26.22
N LEU B 178 0.07 21.89 24.89
CA LEU B 178 0.30 20.73 24.00
C LEU B 178 1.77 20.66 23.53
N LYS B 179 2.69 21.41 24.13
CA LYS B 179 4.10 21.43 23.67
C LYS B 179 4.70 20.01 23.72
N GLY B 180 4.23 19.15 24.62
CA GLY B 180 4.77 17.79 24.80
C GLY B 180 4.47 16.90 23.61
N THR B 181 3.57 17.31 22.71
CA THR B 181 3.27 16.59 21.45
C THR B 181 4.50 16.59 20.54
N GLY B 182 5.33 17.64 20.61
CA GLY B 182 6.39 17.90 19.62
C GLY B 182 5.82 18.07 18.23
N SER B 183 4.59 18.57 18.09
CA SER B 183 3.92 18.79 16.78
C SER B 183 4.35 20.12 16.15
N HIS B 184 4.29 20.25 14.83
CA HIS B 184 4.32 21.54 14.09
C HIS B 184 2.90 22.11 14.12
N PHE B 185 2.63 23.10 14.96
CA PHE B 185 1.29 23.76 15.05
C PHE B 185 1.13 24.71 13.85
N LEU B 186 -0.01 24.63 13.17
CA LEU B 186 -0.47 25.61 12.16
C LEU B 186 -1.82 26.17 12.60
N VAL B 187 -1.96 27.49 12.56
CA VAL B 187 -3.27 28.15 12.80
C VAL B 187 -3.89 28.42 11.42
N LEU B 188 -5.05 27.85 11.14
CA LEU B 188 -5.74 28.03 9.82
C LEU B 188 -7.16 28.56 10.05
N ASN B 189 -7.77 29.19 9.04
CA ASN B 189 -9.24 29.36 9.05
C ASN B 189 -9.89 27.98 8.80
N THR B 190 -11.08 27.81 9.33
CA THR B 190 -11.88 26.56 9.26
C THR B 190 -12.08 26.11 7.81
N GLU B 191 -12.47 27.02 6.92
CA GLU B 191 -12.81 26.68 5.52
C GLU B 191 -11.53 26.16 4.87
N GLU B 192 -10.43 26.87 5.06
CA GLU B 192 -9.11 26.50 4.52
C GLU B 192 -8.76 25.07 4.99
N HIS B 193 -8.98 24.75 6.26
CA HIS B 193 -8.69 23.42 6.82
C HIS B 193 -9.42 22.34 6.01
N ASP B 194 -10.75 22.48 5.85
CA ASP B 194 -11.59 21.45 5.18
C ASP B 194 -11.28 21.42 3.66
N TYR B 195 -10.89 22.55 3.08
CA TYR B 195 -10.54 22.62 1.64
C TYR B 195 -9.24 21.84 1.41
N VAL B 196 -8.22 22.09 2.21
CA VAL B 196 -6.87 21.48 2.04
C VAL B 196 -6.95 20.00 2.38
N THR B 197 -7.61 19.63 3.49
CA THR B 197 -7.74 18.21 3.90
C THR B 197 -8.66 17.48 2.91
N GLY B 198 -9.65 18.17 2.33
CA GLY B 198 -10.47 17.57 1.26
C GLY B 198 -9.59 17.09 0.12
N ILE B 199 -8.65 17.91 -0.33
CA ILE B 199 -7.78 17.61 -1.51
C ILE B 199 -6.75 16.53 -1.13
N VAL B 200 -6.01 16.70 -0.05
CA VAL B 200 -4.79 15.86 0.19
C VAL B 200 -5.15 14.59 0.97
N SER B 201 -6.25 14.54 1.72
CA SER B 201 -6.58 13.39 2.62
C SER B 201 -7.91 12.73 2.26
N HIS B 202 -9.02 13.45 2.24
CA HIS B 202 -10.37 12.85 2.13
C HIS B 202 -10.55 12.27 0.72
N PHE B 203 -10.25 13.04 -0.31
CA PHE B 203 -10.49 12.66 -1.72
C PHE B 203 -9.70 11.37 -2.02
N PRO B 204 -8.37 11.26 -1.74
CA PRO B 204 -7.67 9.99 -1.95
C PRO B 204 -8.36 8.78 -1.30
N HIS B 205 -8.97 8.96 -0.14
CA HIS B 205 -9.67 7.85 0.56
C HIS B 205 -10.85 7.41 -0.28
N LEU B 206 -11.57 8.35 -0.89
CA LEU B 206 -12.69 8.02 -1.79
C LEU B 206 -12.17 7.20 -2.97
N ILE B 207 -11.05 7.59 -3.54
CA ILE B 207 -10.53 6.95 -4.77
C ILE B 207 -10.01 5.56 -4.45
N ALA B 208 -9.35 5.40 -3.30
CA ALA B 208 -8.80 4.09 -2.86
C ALA B 208 -9.95 3.10 -2.76
N ALA B 209 -11.05 3.49 -2.11
CA ALA B 209 -12.26 2.63 -1.95
C ALA B 209 -12.88 2.35 -3.33
N GLY B 210 -12.92 3.34 -4.22
CA GLY B 210 -13.42 3.19 -5.60
C GLY B 210 -12.61 2.18 -6.37
N LEU B 211 -11.30 2.24 -6.26
CA LEU B 211 -10.41 1.29 -6.96
C LEU B 211 -10.71 -0.13 -6.48
N VAL B 212 -10.84 -0.33 -5.19
CA VAL B 212 -11.15 -1.66 -4.61
C VAL B 212 -12.48 -2.13 -5.18
N LYS B 213 -13.48 -1.26 -5.25
CA LYS B 213 -14.84 -1.62 -5.69
C LYS B 213 -14.77 -2.08 -7.16
N GLN B 214 -14.00 -1.36 -7.99
CA GLN B 214 -13.87 -1.71 -9.44
C GLN B 214 -13.20 -3.08 -9.54
N VAL B 215 -12.15 -3.35 -8.78
CA VAL B 215 -11.44 -4.65 -8.91
C VAL B 215 -12.39 -5.75 -8.44
N GLU B 216 -13.11 -5.52 -7.34
CA GLU B 216 -14.07 -6.50 -6.74
C GLU B 216 -15.10 -6.86 -7.81
N LYS B 217 -15.61 -5.90 -8.55
CA LYS B 217 -16.66 -6.16 -9.56
C LYS B 217 -16.14 -7.12 -10.63
N HIS B 218 -14.90 -6.95 -11.10
CA HIS B 218 -14.33 -7.79 -12.18
C HIS B 218 -13.89 -9.14 -11.64
N ALA B 219 -13.66 -9.25 -10.33
CA ALA B 219 -13.16 -10.52 -9.72
C ALA B 219 -14.25 -11.60 -9.87
N GLY B 220 -15.52 -11.22 -9.91
CA GLY B 220 -16.66 -12.12 -10.23
C GLY B 220 -16.43 -12.86 -11.53
N ASP B 221 -16.02 -12.13 -12.59
CA ASP B 221 -15.89 -12.65 -13.98
C ASP B 221 -14.61 -13.49 -14.12
N ASN B 222 -13.47 -13.04 -13.54
CA ASN B 222 -12.19 -13.80 -13.54
C ASN B 222 -11.62 -13.84 -12.12
N PRO B 223 -11.77 -15.01 -11.46
CA PRO B 223 -11.33 -15.17 -10.08
C PRO B 223 -9.81 -15.03 -9.89
N LEU B 224 -9.04 -15.06 -10.98
CA LEU B 224 -7.58 -14.79 -10.98
C LEU B 224 -7.27 -13.39 -10.44
N ILE B 225 -8.17 -12.41 -10.60
CA ILE B 225 -8.01 -11.06 -9.99
C ILE B 225 -7.91 -11.18 -8.45
N HIS B 226 -8.69 -12.05 -7.79
CA HIS B 226 -8.63 -12.26 -6.32
C HIS B 226 -7.20 -12.67 -5.88
N GLN B 227 -6.41 -13.27 -6.75
CA GLN B 227 -5.04 -13.79 -6.45
C GLN B 227 -3.99 -12.75 -6.84
N LEU B 228 -4.02 -12.21 -8.06
CA LEU B 228 -2.98 -11.27 -8.56
C LEU B 228 -3.18 -9.84 -8.00
N ALA B 229 -4.24 -9.56 -7.24
CA ALA B 229 -4.51 -8.22 -6.66
C ALA B 229 -3.91 -8.08 -5.27
N ALA B 230 -3.35 -9.16 -4.67
CA ALA B 230 -2.83 -9.15 -3.27
C ALA B 230 -1.47 -8.42 -3.12
N GLY B 231 -0.72 -8.24 -4.20
CA GLY B 231 0.63 -7.60 -4.17
C GLY B 231 0.58 -6.09 -4.39
N GLY B 232 0.97 -5.66 -5.60
CA GLY B 232 1.16 -4.25 -5.98
C GLY B 232 -0.07 -3.41 -5.73
N PHE B 233 -1.26 -3.87 -6.13
CA PHE B 233 -2.52 -3.04 -6.23
C PHE B 233 -3.04 -2.69 -4.82
N LYS B 234 -2.78 -3.64 -3.93
CA LYS B 234 -2.98 -3.52 -2.45
C LYS B 234 -2.27 -2.24 -1.97
N ASP B 235 -1.24 -1.75 -2.67
CA ASP B 235 -0.42 -0.62 -2.19
C ASP B 235 -1.17 0.69 -2.30
N ILE B 236 -1.73 1.00 -3.47
CA ILE B 236 -2.50 2.28 -3.64
C ILE B 236 -3.78 2.21 -2.79
N THR B 237 -4.31 1.02 -2.47
CA THR B 237 -5.63 0.88 -1.80
C THR B 237 -5.47 0.58 -0.31
N ARG B 238 -4.26 0.59 0.26
CA ARG B 238 -4.03 0.27 1.70
C ARG B 238 -4.98 1.10 2.57
N ILE B 239 -5.16 2.39 2.28
CA ILE B 239 -5.97 3.30 3.13
C ILE B 239 -7.44 2.87 3.13
N ALA B 240 -7.88 2.03 2.18
CA ALA B 240 -9.28 1.56 2.09
C ALA B 240 -9.60 0.60 3.21
N SER B 241 -8.61 0.17 3.99
CA SER B 241 -8.83 -0.66 5.21
C SER B 241 -9.06 0.21 6.46
N SER B 242 -9.01 1.53 6.36
CA SER B 242 -9.30 2.45 7.48
C SER B 242 -10.78 2.34 7.90
N SER B 243 -11.15 2.84 9.08
CA SER B 243 -12.50 2.75 9.70
C SER B 243 -13.59 3.30 8.77
N PRO B 244 -14.51 2.44 8.26
CA PRO B 244 -15.66 2.92 7.50
C PRO B 244 -16.54 3.92 8.26
N LYS B 245 -16.77 3.69 9.55
CA LYS B 245 -17.53 4.62 10.42
C LYS B 245 -16.88 6.01 10.41
N MET B 246 -15.58 6.12 10.69
CA MET B 246 -14.87 7.41 10.70
C MET B 246 -14.91 8.06 9.29
N TRP B 247 -14.67 7.30 8.24
CA TRP B 247 -14.58 7.87 6.87
C TRP B 247 -15.96 8.26 6.37
N SER B 248 -17.01 7.56 6.75
CA SER B 248 -18.38 7.95 6.33
C SER B 248 -18.77 9.26 7.02
N ASP B 249 -18.40 9.43 8.29
CA ASP B 249 -18.63 10.70 9.05
C ASP B 249 -17.82 11.83 8.40
N ILE B 250 -16.56 11.60 8.02
CA ILE B 250 -15.73 12.66 7.35
C ILE B 250 -16.37 13.04 6.01
N VAL B 251 -16.84 12.08 5.22
CA VAL B 251 -17.40 12.40 3.87
C VAL B 251 -18.67 13.24 4.07
N LYS B 252 -19.51 12.85 5.01
CA LYS B 252 -20.71 13.60 5.42
C LYS B 252 -20.29 15.03 5.80
N GLN B 253 -19.37 15.19 6.74
CA GLN B 253 -19.02 16.50 7.31
C GLN B 253 -18.30 17.35 6.24
N ASN B 254 -17.63 16.76 5.24
CA ASN B 254 -16.91 17.55 4.19
C ASN B 254 -17.60 17.37 2.84
N ARG B 255 -18.92 17.16 2.81
CA ARG B 255 -19.66 16.72 1.59
C ARG B 255 -19.46 17.73 0.43
N GLU B 256 -19.64 19.03 0.67
CA GLU B 256 -19.70 20.04 -0.42
C GLU B 256 -18.32 20.14 -1.09
N HIS B 257 -17.25 20.14 -0.31
CA HIS B 257 -15.87 20.18 -0.84
C HIS B 257 -15.64 18.93 -1.71
N LEU B 258 -16.09 17.77 -1.25
CA LEU B 258 -15.80 16.50 -1.92
C LEU B 258 -16.65 16.39 -3.19
N MET B 259 -17.88 16.91 -3.19
CA MET B 259 -18.72 17.03 -4.41
C MET B 259 -17.97 17.82 -5.48
N VAL B 260 -17.45 19.00 -5.15
CA VAL B 260 -16.73 19.83 -6.14
C VAL B 260 -15.53 19.04 -6.66
N LEU B 261 -14.79 18.37 -5.77
CA LEU B 261 -13.56 17.66 -6.19
C LEU B 261 -13.92 16.47 -7.07
N LEU B 262 -15.01 15.76 -6.77
CA LEU B 262 -15.45 14.60 -7.61
C LEU B 262 -15.79 15.09 -9.02
N LYS B 263 -16.52 16.20 -9.15
CA LYS B 263 -16.86 16.74 -10.50
C LYS B 263 -15.57 17.11 -11.24
N GLU B 264 -14.58 17.69 -10.57
CA GLU B 264 -13.27 17.99 -11.22
C GLU B 264 -12.58 16.69 -11.61
N TRP B 265 -12.61 15.69 -10.74
CA TRP B 265 -11.97 14.37 -11.00
C TRP B 265 -12.59 13.75 -12.25
N ILE B 266 -13.91 13.78 -12.36
CA ILE B 266 -14.63 13.21 -13.54
C ILE B 266 -14.15 13.92 -14.80
N SER B 267 -13.99 15.24 -14.73
CA SER B 267 -13.52 16.04 -15.90
C SER B 267 -12.08 15.66 -16.24
N GLU B 268 -11.26 15.41 -15.23
CA GLU B 268 -9.85 15.01 -15.43
C GLU B 268 -9.78 13.61 -16.06
N MET B 269 -10.65 12.69 -15.64
CA MET B 269 -10.70 11.31 -16.16
C MET B 269 -11.17 11.34 -17.63
N GLU B 270 -12.12 12.23 -17.96
CA GLU B 270 -12.61 12.40 -19.35
C GLU B 270 -11.46 12.89 -20.25
N ASP B 271 -10.68 13.88 -19.82
CA ASP B 271 -9.47 14.32 -20.56
C ASP B 271 -8.44 13.20 -20.64
N LEU B 272 -8.27 12.40 -19.58
CA LEU B 272 -7.31 11.27 -19.63
C LEU B 272 -7.81 10.23 -20.63
N TYR B 273 -9.11 9.94 -20.65
CA TYR B 273 -9.74 9.07 -21.67
C TYR B 273 -9.40 9.55 -23.09
N ASP B 274 -9.57 10.85 -23.36
CA ASP B 274 -9.27 11.41 -24.71
C ASP B 274 -7.77 11.20 -25.02
N THR B 275 -6.87 11.47 -24.07
CA THR B 275 -5.42 11.24 -24.26
C THR B 275 -5.15 9.77 -24.63
N VAL B 276 -5.61 8.82 -23.80
CA VAL B 276 -5.35 7.36 -23.98
C VAL B 276 -5.95 6.92 -25.31
N SER B 277 -7.19 7.34 -25.61
CA SER B 277 -7.96 6.83 -26.76
C SER B 277 -7.29 7.28 -28.06
N SER B 278 -6.66 8.46 -28.07
CA SER B 278 -5.90 9.02 -29.23
C SER B 278 -4.63 8.19 -29.52
N GLY B 279 -4.14 7.42 -28.55
CA GLY B 279 -2.99 6.50 -28.71
C GLY B 279 -1.65 7.20 -28.91
N ASP B 280 -1.59 8.54 -28.77
CA ASP B 280 -0.35 9.36 -28.96
C ASP B 280 0.65 9.12 -27.83
N ALA B 281 1.77 8.44 -28.13
CA ALA B 281 2.80 8.01 -27.15
C ALA B 281 3.37 9.25 -26.44
N GLY B 282 3.61 10.33 -27.19
CA GLY B 282 4.08 11.63 -26.69
C GLY B 282 3.19 12.19 -25.59
N GLU B 283 1.92 12.40 -25.90
CA GLU B 283 0.91 12.96 -24.96
C GLU B 283 0.79 12.09 -23.70
N ILE B 284 0.70 10.77 -23.84
CA ILE B 284 0.57 9.86 -22.66
C ILE B 284 1.86 10.00 -21.84
N GLN B 285 3.03 9.97 -22.50
CA GLN B 285 4.32 10.13 -21.77
C GLN B 285 4.34 11.46 -21.00
N ASN B 286 3.91 12.56 -21.61
CA ASN B 286 3.88 13.89 -20.93
C ASN B 286 3.01 13.79 -19.66
N TYR B 287 1.90 13.08 -19.75
CA TYR B 287 0.93 12.95 -18.62
C TYR B 287 1.65 12.27 -17.44
N PHE B 288 2.42 11.20 -17.70
CA PHE B 288 3.14 10.43 -16.65
C PHE B 288 4.36 11.24 -16.17
N ALA B 289 5.04 11.94 -17.07
CA ALA B 289 6.23 12.76 -16.75
C ALA B 289 5.84 13.88 -15.76
N ASP B 290 4.75 14.59 -16.02
CA ASP B 290 4.27 15.71 -15.16
C ASP B 290 3.98 15.15 -13.76
N ALA B 291 3.24 14.05 -13.65
CA ALA B 291 2.93 13.36 -12.36
C ALA B 291 4.23 12.94 -11.66
N LYS B 292 5.17 12.32 -12.38
CA LYS B 292 6.44 11.85 -11.77
C LYS B 292 7.22 13.06 -11.23
N GLU B 293 7.36 14.12 -12.02
CA GLU B 293 8.16 15.30 -11.60
C GLU B 293 7.51 15.95 -10.36
N TYR B 294 6.18 16.08 -10.32
CA TYR B 294 5.51 16.70 -9.17
C TYR B 294 5.70 15.80 -7.94
N ARG B 295 5.43 14.50 -8.07
CA ARG B 295 5.58 13.59 -6.91
C ARG B 295 7.02 13.63 -6.40
N ASP B 296 8.01 13.58 -7.29
CA ASP B 296 9.45 13.52 -6.90
C ASP B 296 9.78 14.77 -6.08
N SER B 297 9.07 15.90 -6.29
CA SER B 297 9.31 17.19 -5.59
C SER B 297 8.73 17.16 -4.18
N LEU B 298 7.86 16.21 -3.84
CA LEU B 298 7.18 16.24 -2.53
C LEU B 298 8.24 15.97 -1.46
N PRO B 299 8.05 16.43 -0.21
CA PRO B 299 9.06 16.26 0.83
C PRO B 299 9.40 14.79 1.10
N VAL B 300 10.66 14.56 1.48
CA VAL B 300 11.26 13.24 1.74
C VAL B 300 11.14 12.91 3.23
N ARG B 301 10.54 11.77 3.57
CA ARG B 301 10.49 11.16 4.94
C ARG B 301 9.95 12.20 5.93
N LYS B 302 8.84 12.86 5.58
CA LYS B 302 8.21 13.92 6.41
C LYS B 302 6.75 13.56 6.63
N ARG B 303 6.13 14.09 7.69
CA ARG B 303 4.73 13.76 8.04
C ARG B 303 3.82 14.73 7.30
N GLY B 304 2.73 14.21 6.76
CA GLY B 304 1.69 15.02 6.08
C GLY B 304 0.29 14.68 6.57
N ALA B 305 -0.71 14.87 5.70
CA ALA B 305 -2.14 14.79 6.07
C ALA B 305 -2.54 13.32 6.16
N ILE B 306 -1.94 12.41 5.39
CA ILE B 306 -2.24 10.94 5.45
C ILE B 306 -1.07 10.27 6.16
N PRO B 307 -1.30 9.37 7.13
CA PRO B 307 -0.19 8.64 7.76
C PRO B 307 0.65 7.83 6.75
N ALA B 308 1.98 7.89 6.87
CA ALA B 308 2.91 7.23 5.91
C ALA B 308 2.92 5.73 6.22
N TYR B 309 3.24 4.89 5.24
CA TYR B 309 3.21 3.40 5.38
C TYR B 309 4.32 2.92 6.32
N HIS B 310 5.51 3.51 6.21
CA HIS B 310 6.74 3.10 6.91
C HIS B 310 7.06 1.64 6.61
N ASP B 311 7.20 1.34 5.31
CA ASP B 311 7.47 -0.01 4.79
C ASP B 311 8.98 -0.22 4.61
N LEU B 312 9.45 -1.39 4.99
CA LEU B 312 10.82 -1.88 4.70
C LEU B 312 10.69 -3.20 3.97
N TYR B 313 11.39 -3.33 2.84
CA TYR B 313 11.37 -4.54 2.00
C TYR B 313 12.65 -5.31 2.28
N VAL B 314 12.57 -6.64 2.41
CA VAL B 314 13.73 -7.47 2.83
C VAL B 314 13.86 -8.64 1.87
N ASP B 315 15.07 -8.81 1.32
CA ASP B 315 15.43 -10.00 0.52
C ASP B 315 15.59 -11.15 1.51
N VAL B 316 14.75 -12.18 1.42
CA VAL B 316 14.89 -13.45 2.19
C VAL B 316 14.69 -14.63 1.24
N LEU B 317 15.37 -15.74 1.51
CA LEU B 317 15.23 -17.03 0.81
C LEU B 317 14.06 -17.80 1.43
N ASP B 318 13.32 -18.51 0.58
CA ASP B 318 12.22 -19.39 1.05
C ASP B 318 12.81 -20.63 1.75
N LYS B 319 13.03 -20.52 3.06
CA LYS B 319 13.52 -21.61 3.93
C LYS B 319 12.69 -21.63 5.21
N VAL B 320 12.57 -22.80 5.84
CA VAL B 320 12.03 -22.88 7.22
C VAL B 320 12.81 -21.89 8.08
N GLY B 321 12.09 -21.08 8.87
CA GLY B 321 12.75 -20.18 9.86
C GLY B 321 13.18 -18.83 9.31
N ALA B 322 12.99 -18.52 8.02
CA ALA B 322 13.37 -17.19 7.49
C ALA B 322 12.60 -16.10 8.25
N LEU B 323 11.28 -16.21 8.38
CA LEU B 323 10.49 -15.19 9.12
C LEU B 323 10.85 -15.22 10.61
N ALA B 324 11.09 -16.40 11.18
CA ALA B 324 11.50 -16.55 12.59
C ALA B 324 12.75 -15.71 12.85
N HIS B 325 13.75 -15.78 11.98
CA HIS B 325 15.02 -15.05 12.18
C HIS B 325 14.79 -13.53 12.07
N VAL B 326 14.05 -13.06 11.06
CA VAL B 326 13.79 -11.60 10.82
C VAL B 326 13.02 -11.04 12.02
N THR B 327 11.94 -11.71 12.44
CA THR B 327 11.10 -11.19 13.54
C THR B 327 11.90 -11.22 14.84
N SER B 328 12.73 -12.23 15.03
CA SER B 328 13.56 -12.36 16.25
C SER B 328 14.56 -11.19 16.34
N ILE B 329 15.20 -10.82 15.23
CA ILE B 329 16.17 -9.67 15.16
C ILE B 329 15.42 -8.39 15.55
N LEU B 330 14.22 -8.15 15.01
CA LEU B 330 13.51 -6.91 15.31
C LEU B 330 13.03 -6.96 16.76
N ALA B 331 12.54 -8.10 17.25
CA ALA B 331 12.02 -8.19 18.65
C ALA B 331 13.16 -7.96 19.64
N ARG B 332 14.36 -8.49 19.37
CA ARG B 332 15.53 -8.31 20.27
C ARG B 332 15.90 -6.82 20.36
N GLU B 333 15.64 -6.05 19.32
CA GLU B 333 15.84 -4.58 19.40
C GLU B 333 14.60 -3.91 19.99
N GLU B 334 13.57 -4.63 20.42
CA GLU B 334 12.32 -4.02 20.98
C GLU B 334 11.62 -3.16 19.93
N ILE B 335 11.62 -3.62 18.69
CA ILE B 335 10.84 -2.97 17.59
C ILE B 335 9.54 -3.73 17.42
N SER B 336 8.41 -3.02 17.54
CA SER B 336 7.06 -3.56 17.29
C SER B 336 6.75 -3.43 15.79
N ILE B 337 6.29 -4.51 15.18
CA ILE B 337 5.91 -4.59 13.74
C ILE B 337 4.40 -4.39 13.68
N THR B 338 3.91 -3.61 12.73
CA THR B 338 2.45 -3.39 12.59
C THR B 338 1.88 -4.44 11.64
N ASN B 339 2.66 -4.82 10.65
CA ASN B 339 2.16 -5.73 9.60
C ASN B 339 3.34 -6.27 8.82
N LEU B 340 3.08 -7.34 8.10
CA LEU B 340 4.07 -7.93 7.18
C LEU B 340 3.32 -8.76 6.14
N GLN B 341 4.04 -9.09 5.07
CA GLN B 341 3.45 -9.83 3.94
C GLN B 341 4.60 -10.34 3.10
N ILE B 342 4.38 -11.51 2.50
CA ILE B 342 5.22 -12.03 1.39
C ILE B 342 4.54 -11.59 0.09
N LEU B 343 5.23 -10.94 -0.83
CA LEU B 343 4.56 -10.41 -2.05
C LEU B 343 4.79 -11.40 -3.20
N GLU B 344 3.71 -11.86 -3.84
CA GLU B 344 3.77 -12.81 -4.97
C GLU B 344 3.65 -12.02 -6.27
N ALA B 345 3.03 -10.83 -6.23
CA ALA B 345 2.99 -9.88 -7.36
C ALA B 345 3.78 -8.63 -6.96
N ARG B 346 5.03 -8.48 -7.45
CA ARG B 346 5.95 -7.46 -6.89
C ARG B 346 6.84 -6.82 -7.96
N GLU B 347 6.34 -6.62 -9.18
CA GLU B 347 7.05 -5.79 -10.20
C GLU B 347 7.35 -4.40 -9.64
N GLY B 348 8.56 -3.90 -9.83
CA GLY B 348 9.04 -2.60 -9.30
C GLY B 348 9.29 -2.60 -7.80
N LEU B 349 9.24 -3.75 -7.12
CA LEU B 349 9.43 -3.89 -5.66
C LEU B 349 10.39 -5.04 -5.36
N LEU B 350 11.69 -4.73 -5.28
CA LEU B 350 12.72 -5.67 -4.74
C LEU B 350 12.48 -5.95 -3.25
N GLY B 351 12.70 -7.18 -2.82
CA GLY B 351 12.42 -7.60 -1.45
C GLY B 351 11.09 -8.32 -1.38
N VAL B 352 11.13 -9.62 -1.24
CA VAL B 352 9.91 -10.46 -1.17
C VAL B 352 9.11 -10.20 0.11
N LEU B 353 9.76 -9.88 1.21
CA LEU B 353 9.10 -9.68 2.52
C LEU B 353 8.93 -8.18 2.73
N ARG B 354 7.68 -7.74 2.89
CA ARG B 354 7.41 -6.33 3.23
C ARG B 354 7.08 -6.25 4.73
N ILE B 355 7.73 -5.37 5.47
CA ILE B 355 7.45 -5.15 6.92
C ILE B 355 7.01 -3.70 7.12
N SER B 356 5.92 -3.47 7.87
CA SER B 356 5.41 -2.11 8.17
C SER B 356 5.66 -1.79 9.64
N PHE B 357 5.97 -0.53 9.93
CA PHE B 357 6.22 -0.01 11.30
C PHE B 357 5.29 1.17 11.63
N GLN B 358 5.21 1.47 12.91
CA GLN B 358 4.32 2.53 13.48
C GLN B 358 4.90 3.90 13.10
N ARG B 359 6.20 4.02 12.92
CA ARG B 359 6.83 5.35 12.72
C ARG B 359 8.20 5.21 12.06
N GLU B 360 8.68 6.32 11.48
CA GLU B 360 9.95 6.33 10.71
C GLU B 360 11.10 5.83 11.60
N GLU B 361 11.12 6.19 12.89
CA GLU B 361 12.24 5.85 13.81
C GLU B 361 12.34 4.31 13.90
N ASP B 362 11.21 3.62 13.98
CA ASP B 362 11.18 2.14 14.06
C ASP B 362 11.71 1.53 12.75
N ARG B 363 11.29 2.08 11.63
CA ARG B 363 11.77 1.55 10.34
C ARG B 363 13.30 1.72 10.25
N MET B 364 13.81 2.90 10.64
CA MET B 364 15.26 3.21 10.64
C MET B 364 16.03 2.22 11.54
N LYS B 365 15.55 1.98 12.75
CA LYS B 365 16.18 0.98 13.63
C LYS B 365 16.09 -0.40 13.00
N ALA B 366 14.99 -0.71 12.32
CA ALA B 366 14.79 -2.05 11.74
C ALA B 366 15.83 -2.24 10.62
N LYS B 367 16.04 -1.22 9.81
CA LYS B 367 17.02 -1.24 8.70
C LYS B 367 18.43 -1.50 9.26
N LEU B 368 18.78 -0.85 10.37
CA LEU B 368 20.12 -1.00 11.00
C LEU B 368 20.23 -2.42 11.58
N ALA B 369 19.24 -2.87 12.33
CA ALA B 369 19.25 -4.20 13.00
C ALA B 369 19.40 -5.32 11.94
N LEU B 370 18.65 -5.25 10.84
CA LEU B 370 18.70 -6.26 9.75
C LEU B 370 20.00 -6.14 8.97
N GLY B 371 20.49 -4.91 8.78
CA GLY B 371 21.78 -4.63 8.13
C GLY B 371 22.94 -5.31 8.84
N GLU B 372 22.98 -5.22 10.17
CA GLU B 372 24.01 -5.85 11.04
C GLU B 372 24.02 -7.38 10.85
N GLU B 373 22.87 -8.00 10.52
CA GLU B 373 22.77 -9.45 10.27
C GLU B 373 22.86 -9.76 8.77
N LYS B 374 23.28 -8.81 7.95
CA LYS B 374 23.60 -9.05 6.52
C LYS B 374 22.34 -9.32 5.70
N TYR B 375 21.17 -8.85 6.10
CA TYR B 375 19.97 -8.79 5.24
C TYR B 375 20.05 -7.53 4.36
N GLN B 376 19.82 -7.71 3.08
CA GLN B 376 19.60 -6.63 2.09
C GLN B 376 18.15 -6.14 2.27
N THR B 377 18.00 -4.83 2.47
CA THR B 377 16.71 -4.16 2.61
C THR B 377 16.61 -3.01 1.61
N TYR B 378 15.38 -2.59 1.33
CA TYR B 378 15.05 -1.53 0.36
C TYR B 378 13.88 -0.73 0.91
N GLU B 379 13.91 0.57 0.63
CA GLU B 379 12.78 1.51 0.93
C GLU B 379 12.44 2.20 -0.38
N THR B 380 11.14 2.42 -0.66
CA THR B 380 10.66 3.01 -1.93
C THR B 380 11.07 4.48 -1.89
N ILE B 381 11.10 5.12 -3.06
CA ILE B 381 11.19 6.60 -3.21
C ILE B 381 10.22 7.03 -4.33
N TYR C . 9.02 -20.10 4.10
CA TYR C . 9.60 -18.99 4.92
C TYR C . 9.42 -19.29 6.41
O TYR C . 9.93 -18.52 7.25
CB TYR C . 8.96 -17.64 4.57
CG TYR C . 9.18 -17.25 3.14
CD1 TYR C . 10.33 -16.61 2.75
CD2 TYR C . 8.24 -17.53 2.15
CE1 TYR C . 10.57 -16.26 1.43
CE2 TYR C . 8.45 -17.19 0.83
CZ TYR C . 9.62 -16.55 0.47
OH TYR C . 9.86 -16.21 -0.84
OXT TYR C . 8.77 -20.28 6.75
N TYR D . 3.38 -5.96 17.14
CA TYR D . 3.46 -7.44 17.05
C TYR D . 4.93 -7.84 16.88
O TYR D . 5.22 -9.04 16.87
CB TYR D . 2.65 -7.97 15.87
CG TYR D . 1.21 -7.55 15.89
CD1 TYR D . 0.28 -8.23 16.65
CD2 TYR D . 0.79 -6.44 15.18
CE1 TYR D . -1.04 -7.83 16.70
CE2 TYR D . -0.53 -6.02 15.22
CZ TYR D . -1.45 -6.73 15.99
OH TYR D . -2.75 -6.33 16.02
OXT TYR D . 5.80 -6.95 16.76
P PO4 E . -8.92 -25.68 3.39
O1 PO4 E . -7.46 -25.68 3.80
O2 PO4 E . -9.34 -27.07 2.97
O3 PO4 E . -9.77 -25.21 4.57
O4 PO4 E . -9.10 -24.71 2.22
PA NAD F . -11.06 5.80 19.48
O1A NAD F . -12.17 4.88 19.12
O2A NAD F . -9.69 5.25 19.93
O5B NAD F . -11.42 6.92 20.61
C5B NAD F . -12.69 7.58 20.61
C4B NAD F . -13.26 7.42 21.99
O4B NAD F . -14.43 8.24 22.13
C3B NAD F . -13.67 5.99 22.37
O3B NAD F . -13.04 5.63 23.59
C2B NAD F . -15.20 6.07 22.43
O2B NAD F . -15.78 5.18 23.39
C1B NAD F . -15.39 7.52 22.86
N9A NAD F . -16.71 8.10 22.60
C8A NAD F . -17.54 7.85 21.55
N7A NAD F . -18.70 8.46 21.62
C5A NAD F . -18.62 9.17 22.81
C6A NAD F . -19.53 10.02 23.48
N6A NAD F . -20.73 10.36 23.00
N1A NAD F . -19.15 10.53 24.67
C2A NAD F . -17.94 10.24 25.14
N3A NAD F . -17.00 9.47 24.59
C4A NAD F . -17.40 8.95 23.43
O3 NAD F . -10.83 6.75 18.23
PN NAD F . -9.65 7.77 17.89
O1N NAD F . -8.99 8.20 19.15
O2N NAD F . -8.82 7.23 16.78
O5D NAD F . -10.47 8.92 17.17
C5D NAD F . -11.16 9.99 17.85
C4D NAD F . -11.36 11.06 16.81
O4D NAD F . -10.10 11.68 16.54
C3D NAD F . -11.82 10.53 15.44
O3D NAD F . -13.23 10.46 15.32
C2D NAD F . -11.25 11.55 14.45
O2D NAD F . -12.19 12.54 14.07
C1D NAD F . -10.09 12.19 15.23
N1N NAD F . -8.77 11.83 14.59
C2N NAD F . -8.50 10.51 14.44
C3N NAD F . -7.37 10.11 13.77
C7N NAD F . -7.03 8.65 13.62
O7N NAD F . -6.16 8.30 12.83
N7N NAD F . -7.76 7.78 14.28
C4N NAD F . -6.51 11.08 13.27
C5N NAD F . -6.79 12.42 13.47
C6N NAD F . -7.93 12.78 14.13
P PO4 G . 8.18 8.51 2.56
O1 PO4 G . 8.64 7.62 3.72
O2 PO4 G . 9.04 9.75 2.48
O3 PO4 G . 8.32 7.72 1.25
O4 PO4 G . 6.73 8.92 2.75
#